data_1MHN
# 
_entry.id   1MHN 
# 
_audit_conform.dict_name       mmcif_pdbx.dic 
_audit_conform.dict_version    5.386 
_audit_conform.dict_location   http://mmcif.pdb.org/dictionaries/ascii/mmcif_pdbx.dic 
# 
loop_
_database_2.database_id 
_database_2.database_code 
_database_2.pdbx_database_accession 
_database_2.pdbx_DOI 
PDB   1MHN         pdb_00001mhn 10.2210/pdb1mhn/pdb 
RCSB  RCSB016917   ?            ?                   
WWPDB D_1000016917 ?            ?                   
# 
loop_
_pdbx_audit_revision_history.ordinal 
_pdbx_audit_revision_history.data_content_type 
_pdbx_audit_revision_history.major_revision 
_pdbx_audit_revision_history.minor_revision 
_pdbx_audit_revision_history.revision_date 
1 'Structure model' 1 0 2003-03-25 
2 'Structure model' 1 1 2008-04-28 
3 'Structure model' 1 2 2011-07-13 
4 'Structure model' 1 3 2024-02-14 
# 
_pdbx_audit_revision_details.ordinal             1 
_pdbx_audit_revision_details.revision_ordinal    1 
_pdbx_audit_revision_details.data_content_type   'Structure model' 
_pdbx_audit_revision_details.provider            repository 
_pdbx_audit_revision_details.type                'Initial release' 
_pdbx_audit_revision_details.description         ? 
_pdbx_audit_revision_details.details             ? 
# 
loop_
_pdbx_audit_revision_group.ordinal 
_pdbx_audit_revision_group.revision_ordinal 
_pdbx_audit_revision_group.data_content_type 
_pdbx_audit_revision_group.group 
1 2 'Structure model' 'Version format compliance' 
2 3 'Structure model' 'Version format compliance' 
3 4 'Structure model' 'Data collection'           
4 4 'Structure model' 'Database references'       
# 
loop_
_pdbx_audit_revision_category.ordinal 
_pdbx_audit_revision_category.revision_ordinal 
_pdbx_audit_revision_category.data_content_type 
_pdbx_audit_revision_category.category 
1 4 'Structure model' chem_comp_atom 
2 4 'Structure model' chem_comp_bond 
3 4 'Structure model' database_2     
# 
loop_
_pdbx_audit_revision_item.ordinal 
_pdbx_audit_revision_item.revision_ordinal 
_pdbx_audit_revision_item.data_content_type 
_pdbx_audit_revision_item.item 
1 4 'Structure model' '_database_2.pdbx_DOI'                
2 4 'Structure model' '_database_2.pdbx_database_accession' 
# 
_pdbx_database_status.status_code                     REL 
_pdbx_database_status.entry_id                        1MHN 
_pdbx_database_status.recvd_initial_deposition_date   2002-08-20 
_pdbx_database_status.deposit_site                    RCSB 
_pdbx_database_status.process_site                    RCSB 
_pdbx_database_status.status_code_sf                  REL 
_pdbx_database_status.SG_entry                        . 
_pdbx_database_status.pdb_format_compatible           Y 
_pdbx_database_status.status_code_mr                  ? 
_pdbx_database_status.status_code_cs                  ? 
_pdbx_database_status.status_code_nmr_data            ? 
_pdbx_database_status.methods_development_category    ? 
# 
loop_
_audit_author.name 
_audit_author.pdbx_ordinal 
'Sprangers, R.' 1 
'Groves, M.R.'  2 
'Sinning, I.'   3 
'Sattler, M.'   4 
# 
loop_
_citation.id 
_citation.title 
_citation.journal_abbrev 
_citation.journal_volume 
_citation.page_first 
_citation.page_last 
_citation.year 
_citation.journal_id_ASTM 
_citation.country 
_citation.journal_id_ISSN 
_citation.journal_id_CSD 
_citation.book_publisher 
_citation.pdbx_database_id_PubMed 
_citation.pdbx_database_id_DOI 
primary 
;High Resolution X-ray and NMR Structures of the SMN Tudor Domain:   
conformational variation in the binding site for symmetrically dimethylated arginine residues
;
J.Mol.Biol.       327 507 520 2003 JMOBAK UK 0022-2836 0070 ? 12628254 '10.1016/S0022-2836(03)00148-7' 
1       
;Definition of domain boundaries and crystallization of the SMN Tudor  
domain
;
'To be Published' ?   ?   ?   ?    ?      ?  ?         0353 ? ?        ?                               
# 
loop_
_citation_author.citation_id 
_citation_author.name 
_citation_author.ordinal 
_citation_author.identifier_ORCID 
primary 'Sprangers, R.' 1 ? 
primary 'Groves, M.R.'  2 ? 
primary 'Sinning, I.'   3 ? 
primary 'Sattler, M.'   4 ? 
1       'Sprangers, R.' 5 ? 
1       'Selenko, P.'   6 ? 
1       'Sattler, M.'   7 ? 
1       'Sinning, I.'   8 ? 
1       'Groves, M.R.'  9 ? 
# 
loop_
_entity.id 
_entity.type 
_entity.src_method 
_entity.pdbx_description 
_entity.formula_weight 
_entity.pdbx_number_of_molecules 
_entity.pdbx_ec 
_entity.pdbx_mutation 
_entity.pdbx_fragment 
_entity.details 
1 polymer man 'Survival motor neuron protein' 6649.454 1  ? ? 'Tudor domain' ? 
2 water   nat water                           18.015   65 ? ? ?              ? 
# 
_entity_name_com.entity_id   1 
_entity_name_com.name        'SMN, Component of gems 1, Gemin1' 
# 
_entity_poly.entity_id                      1 
_entity_poly.type                           'polypeptide(L)' 
_entity_poly.nstd_linkage                   no 
_entity_poly.nstd_monomer                   no 
_entity_poly.pdbx_seq_one_letter_code       LQQWKVGDKCSAIWSEDGCIYPATIASIDFKRETCVVVYTGYGNREEQNLSDLLSPICE 
_entity_poly.pdbx_seq_one_letter_code_can   LQQWKVGDKCSAIWSEDGCIYPATIASIDFKRETCVVVYTGYGNREEQNLSDLLSPICE 
_entity_poly.pdbx_strand_id                 A 
_entity_poly.pdbx_target_identifier         ? 
# 
_pdbx_entity_nonpoly.entity_id   2 
_pdbx_entity_nonpoly.name        water 
_pdbx_entity_nonpoly.comp_id     HOH 
# 
loop_
_entity_poly_seq.entity_id 
_entity_poly_seq.num 
_entity_poly_seq.mon_id 
_entity_poly_seq.hetero 
1 1  LEU n 
1 2  GLN n 
1 3  GLN n 
1 4  TRP n 
1 5  LYS n 
1 6  VAL n 
1 7  GLY n 
1 8  ASP n 
1 9  LYS n 
1 10 CYS n 
1 11 SER n 
1 12 ALA n 
1 13 ILE n 
1 14 TRP n 
1 15 SER n 
1 16 GLU n 
1 17 ASP n 
1 18 GLY n 
1 19 CYS n 
1 20 ILE n 
1 21 TYR n 
1 22 PRO n 
1 23 ALA n 
1 24 THR n 
1 25 ILE n 
1 26 ALA n 
1 27 SER n 
1 28 ILE n 
1 29 ASP n 
1 30 PHE n 
1 31 LYS n 
1 32 ARG n 
1 33 GLU n 
1 34 THR n 
1 35 CYS n 
1 36 VAL n 
1 37 VAL n 
1 38 VAL n 
1 39 TYR n 
1 40 THR n 
1 41 GLY n 
1 42 TYR n 
1 43 GLY n 
1 44 ASN n 
1 45 ARG n 
1 46 GLU n 
1 47 GLU n 
1 48 GLN n 
1 49 ASN n 
1 50 LEU n 
1 51 SER n 
1 52 ASP n 
1 53 LEU n 
1 54 LEU n 
1 55 SER n 
1 56 PRO n 
1 57 ILE n 
1 58 CYS n 
1 59 GLU n 
# 
_entity_src_gen.entity_id                          1 
_entity_src_gen.pdbx_src_id                        1 
_entity_src_gen.pdbx_alt_source_flag               sample 
_entity_src_gen.pdbx_seq_type                      ? 
_entity_src_gen.pdbx_beg_seq_num                   ? 
_entity_src_gen.pdbx_end_seq_num                   ? 
_entity_src_gen.gene_src_common_name               human 
_entity_src_gen.gene_src_genus                     Homo 
_entity_src_gen.pdbx_gene_src_gene                 smn1 
_entity_src_gen.gene_src_species                   ? 
_entity_src_gen.gene_src_strain                    ? 
_entity_src_gen.gene_src_tissue                    ? 
_entity_src_gen.gene_src_tissue_fraction           ? 
_entity_src_gen.gene_src_details                   ? 
_entity_src_gen.pdbx_gene_src_fragment             ? 
_entity_src_gen.pdbx_gene_src_scientific_name      'Homo sapiens' 
_entity_src_gen.pdbx_gene_src_ncbi_taxonomy_id     9606 
_entity_src_gen.pdbx_gene_src_variant              ? 
_entity_src_gen.pdbx_gene_src_cell_line            ? 
_entity_src_gen.pdbx_gene_src_atcc                 ? 
_entity_src_gen.pdbx_gene_src_organ                ? 
_entity_src_gen.pdbx_gene_src_organelle            ? 
_entity_src_gen.pdbx_gene_src_cell                 ? 
_entity_src_gen.pdbx_gene_src_cellular_location    ? 
_entity_src_gen.host_org_common_name               ? 
_entity_src_gen.pdbx_host_org_scientific_name      'Escherichia coli BL21' 
_entity_src_gen.pdbx_host_org_ncbi_taxonomy_id     511693 
_entity_src_gen.host_org_genus                     Escherichia 
_entity_src_gen.pdbx_host_org_gene                 ? 
_entity_src_gen.pdbx_host_org_organ                ? 
_entity_src_gen.host_org_species                   'Escherichia coli' 
_entity_src_gen.pdbx_host_org_tissue               ? 
_entity_src_gen.pdbx_host_org_tissue_fraction      ? 
_entity_src_gen.pdbx_host_org_strain               BL21 
_entity_src_gen.pdbx_host_org_variant              ? 
_entity_src_gen.pdbx_host_org_cell_line            ? 
_entity_src_gen.pdbx_host_org_atcc                 ? 
_entity_src_gen.pdbx_host_org_culture_collection   ? 
_entity_src_gen.pdbx_host_org_cell                 ? 
_entity_src_gen.pdbx_host_org_organelle            ? 
_entity_src_gen.pdbx_host_org_cellular_location    ? 
_entity_src_gen.pdbx_host_org_vector_type          'pET24d (modified)' 
_entity_src_gen.pdbx_host_org_vector               ? 
_entity_src_gen.host_org_details                   ? 
_entity_src_gen.expression_system_id               ? 
_entity_src_gen.plasmid_name                       ? 
_entity_src_gen.plasmid_details                    ? 
_entity_src_gen.pdbx_description                   ? 
# 
loop_
_chem_comp.id 
_chem_comp.type 
_chem_comp.mon_nstd_flag 
_chem_comp.name 
_chem_comp.pdbx_synonyms 
_chem_comp.formula 
_chem_comp.formula_weight 
ALA 'L-peptide linking' y ALANINE         ? 'C3 H7 N O2'     89.093  
ARG 'L-peptide linking' y ARGININE        ? 'C6 H15 N4 O2 1' 175.209 
ASN 'L-peptide linking' y ASPARAGINE      ? 'C4 H8 N2 O3'    132.118 
ASP 'L-peptide linking' y 'ASPARTIC ACID' ? 'C4 H7 N O4'     133.103 
CYS 'L-peptide linking' y CYSTEINE        ? 'C3 H7 N O2 S'   121.158 
GLN 'L-peptide linking' y GLUTAMINE       ? 'C5 H10 N2 O3'   146.144 
GLU 'L-peptide linking' y 'GLUTAMIC ACID' ? 'C5 H9 N O4'     147.129 
GLY 'peptide linking'   y GLYCINE         ? 'C2 H5 N O2'     75.067  
HOH non-polymer         . WATER           ? 'H2 O'           18.015  
ILE 'L-peptide linking' y ISOLEUCINE      ? 'C6 H13 N O2'    131.173 
LEU 'L-peptide linking' y LEUCINE         ? 'C6 H13 N O2'    131.173 
LYS 'L-peptide linking' y LYSINE          ? 'C6 H15 N2 O2 1' 147.195 
PHE 'L-peptide linking' y PHENYLALANINE   ? 'C9 H11 N O2'    165.189 
PRO 'L-peptide linking' y PROLINE         ? 'C5 H9 N O2'     115.130 
SER 'L-peptide linking' y SERINE          ? 'C3 H7 N O3'     105.093 
THR 'L-peptide linking' y THREONINE       ? 'C4 H9 N O3'     119.119 
TRP 'L-peptide linking' y TRYPTOPHAN      ? 'C11 H12 N2 O2'  204.225 
TYR 'L-peptide linking' y TYROSINE        ? 'C9 H11 N O3'    181.189 
VAL 'L-peptide linking' y VALINE          ? 'C5 H11 N O2'    117.146 
# 
loop_
_pdbx_poly_seq_scheme.asym_id 
_pdbx_poly_seq_scheme.entity_id 
_pdbx_poly_seq_scheme.seq_id 
_pdbx_poly_seq_scheme.mon_id 
_pdbx_poly_seq_scheme.ndb_seq_num 
_pdbx_poly_seq_scheme.pdb_seq_num 
_pdbx_poly_seq_scheme.auth_seq_num 
_pdbx_poly_seq_scheme.pdb_mon_id 
_pdbx_poly_seq_scheme.auth_mon_id 
_pdbx_poly_seq_scheme.pdb_strand_id 
_pdbx_poly_seq_scheme.pdb_ins_code 
_pdbx_poly_seq_scheme.hetero 
A 1 1  LEU 1  89  89  LEU LEU A . n 
A 1 2  GLN 2  90  90  GLN GLN A . n 
A 1 3  GLN 3  91  91  GLN GLN A . n 
A 1 4  TRP 4  92  92  TRP TRP A . n 
A 1 5  LYS 5  93  93  LYS LYS A . n 
A 1 6  VAL 6  94  94  VAL VAL A . n 
A 1 7  GLY 7  95  95  GLY GLY A . n 
A 1 8  ASP 8  96  96  ASP ASP A . n 
A 1 9  LYS 9  97  97  LYS LYS A . n 
A 1 10 CYS 10 98  98  CYS CYS A . n 
A 1 11 SER 11 99  99  SER SER A . n 
A 1 12 ALA 12 100 100 ALA ALA A . n 
A 1 13 ILE 13 101 101 ILE ILE A . n 
A 1 14 TRP 14 102 102 TRP TRP A . n 
A 1 15 SER 15 103 103 SER SER A . n 
A 1 16 GLU 16 104 104 GLU GLU A . n 
A 1 17 ASP 17 105 105 ASP ASP A . n 
A 1 18 GLY 18 106 106 GLY GLY A . n 
A 1 19 CYS 19 107 107 CYS CYS A . n 
A 1 20 ILE 20 108 108 ILE ILE A . n 
A 1 21 TYR 21 109 109 TYR TYR A . n 
A 1 22 PRO 22 110 110 PRO PRO A . n 
A 1 23 ALA 23 111 111 ALA ALA A . n 
A 1 24 THR 24 112 112 THR THR A . n 
A 1 25 ILE 25 113 113 ILE ILE A . n 
A 1 26 ALA 26 114 114 ALA ALA A . n 
A 1 27 SER 27 115 115 SER SER A . n 
A 1 28 ILE 28 116 116 ILE ILE A . n 
A 1 29 ASP 29 117 117 ASP ASP A . n 
A 1 30 PHE 30 118 118 PHE PHE A . n 
A 1 31 LYS 31 119 119 LYS LYS A . n 
A 1 32 ARG 32 120 120 ARG ARG A . n 
A 1 33 GLU 33 121 121 GLU GLU A . n 
A 1 34 THR 34 122 122 THR THR A . n 
A 1 35 CYS 35 123 123 CYS CYS A . n 
A 1 36 VAL 36 124 124 VAL VAL A . n 
A 1 37 VAL 37 125 125 VAL VAL A . n 
A 1 38 VAL 38 126 126 VAL VAL A . n 
A 1 39 TYR 39 127 127 TYR TYR A . n 
A 1 40 THR 40 128 128 THR THR A . n 
A 1 41 GLY 41 129 129 GLY GLY A . n 
A 1 42 TYR 42 130 130 TYR TYR A . n 
A 1 43 GLY 43 131 131 GLY GLY A . n 
A 1 44 ASN 44 132 132 ASN ASN A . n 
A 1 45 ARG 45 133 133 ARG ARG A . n 
A 1 46 GLU 46 134 134 GLU GLU A . n 
A 1 47 GLU 47 135 135 GLU GLU A . n 
A 1 48 GLN 48 136 136 GLN GLN A . n 
A 1 49 ASN 49 137 137 ASN ASN A . n 
A 1 50 LEU 50 138 138 LEU LEU A . n 
A 1 51 SER 51 139 139 SER SER A . n 
A 1 52 ASP 52 140 140 ASP ASP A . n 
A 1 53 LEU 53 141 141 LEU LEU A . n 
A 1 54 LEU 54 142 142 LEU LEU A . n 
A 1 55 SER 55 143 143 SER SER A . n 
A 1 56 PRO 56 144 144 PRO PRO A . n 
A 1 57 ILE 57 145 145 ILE ILE A . n 
A 1 58 CYS 58 146 146 CYS CYS A . n 
A 1 59 GLU 59 147 147 GLU GLU A . n 
# 
loop_
_pdbx_nonpoly_scheme.asym_id 
_pdbx_nonpoly_scheme.entity_id 
_pdbx_nonpoly_scheme.mon_id 
_pdbx_nonpoly_scheme.ndb_seq_num 
_pdbx_nonpoly_scheme.pdb_seq_num 
_pdbx_nonpoly_scheme.auth_seq_num 
_pdbx_nonpoly_scheme.pdb_mon_id 
_pdbx_nonpoly_scheme.auth_mon_id 
_pdbx_nonpoly_scheme.pdb_strand_id 
_pdbx_nonpoly_scheme.pdb_ins_code 
B 2 HOH 1  1  1  HOH WAT A . 
B 2 HOH 2  2  2  HOH WAT A . 
B 2 HOH 3  3  3  HOH WAT A . 
B 2 HOH 4  4  4  HOH WAT A . 
B 2 HOH 5  5  5  HOH WAT A . 
B 2 HOH 6  6  6  HOH WAT A . 
B 2 HOH 7  7  7  HOH WAT A . 
B 2 HOH 8  8  8  HOH WAT A . 
B 2 HOH 9  9  9  HOH WAT A . 
B 2 HOH 10 10 10 HOH WAT A . 
B 2 HOH 11 11 11 HOH WAT A . 
B 2 HOH 12 12 12 HOH WAT A . 
B 2 HOH 13 13 13 HOH WAT A . 
B 2 HOH 14 14 14 HOH WAT A . 
B 2 HOH 15 15 15 HOH WAT A . 
B 2 HOH 16 16 16 HOH WAT A . 
B 2 HOH 17 17 17 HOH WAT A . 
B 2 HOH 18 18 18 HOH WAT A . 
B 2 HOH 19 19 19 HOH WAT A . 
B 2 HOH 20 20 20 HOH WAT A . 
B 2 HOH 21 21 21 HOH WAT A . 
B 2 HOH 22 22 22 HOH WAT A . 
B 2 HOH 23 23 23 HOH WAT A . 
B 2 HOH 24 24 24 HOH WAT A . 
B 2 HOH 25 25 25 HOH WAT A . 
B 2 HOH 26 26 26 HOH WAT A . 
B 2 HOH 27 27 27 HOH WAT A . 
B 2 HOH 28 28 28 HOH WAT A . 
B 2 HOH 29 29 29 HOH WAT A . 
B 2 HOH 30 30 30 HOH WAT A . 
B 2 HOH 31 31 31 HOH WAT A . 
B 2 HOH 32 32 32 HOH WAT A . 
B 2 HOH 33 33 33 HOH WAT A . 
B 2 HOH 34 34 34 HOH WAT A . 
B 2 HOH 35 35 35 HOH WAT A . 
B 2 HOH 36 36 36 HOH WAT A . 
B 2 HOH 37 37 37 HOH WAT A . 
B 2 HOH 38 38 38 HOH WAT A . 
B 2 HOH 39 39 39 HOH WAT A . 
B 2 HOH 40 40 40 HOH WAT A . 
B 2 HOH 41 41 41 HOH WAT A . 
B 2 HOH 42 42 42 HOH WAT A . 
B 2 HOH 43 43 43 HOH WAT A . 
B 2 HOH 44 44 44 HOH WAT A . 
B 2 HOH 45 45 45 HOH WAT A . 
B 2 HOH 46 46 46 HOH WAT A . 
B 2 HOH 47 47 47 HOH WAT A . 
B 2 HOH 48 48 48 HOH WAT A . 
B 2 HOH 49 49 49 HOH WAT A . 
B 2 HOH 50 50 50 HOH WAT A . 
B 2 HOH 51 51 51 HOH WAT A . 
B 2 HOH 52 52 52 HOH WAT A . 
B 2 HOH 53 53 53 HOH WAT A . 
B 2 HOH 54 54 54 HOH WAT A . 
B 2 HOH 55 55 55 HOH WAT A . 
B 2 HOH 56 56 56 HOH WAT A . 
B 2 HOH 57 57 57 HOH WAT A . 
B 2 HOH 58 58 58 HOH WAT A . 
B 2 HOH 59 59 59 HOH WAT A . 
B 2 HOH 60 60 60 HOH WAT A . 
B 2 HOH 61 61 61 HOH WAT A . 
B 2 HOH 62 62 62 HOH WAT A . 
B 2 HOH 63 63 63 HOH WAT A . 
B 2 HOH 64 64 64 HOH WAT A . 
B 2 HOH 65 65 65 HOH WAT A . 
# 
loop_
_software.name 
_software.classification 
_software.version 
_software.citation_id 
_software.pdbx_ordinal 
MOSFLM 'data reduction' .         ? 1 
SCALA  'data scaling'   .         ? 2 
CNS    refinement       .         ? 3 
REFMAC refinement       .         ? 4 
CCP4   'data scaling'   '(SCALA)' ? 5 
CNS    phasing          .         ? 6 
# 
_cell.entry_id           1MHN 
_cell.length_a           27.652 
_cell.length_b           27.652 
_cell.length_c           110.299 
_cell.angle_alpha        90.00 
_cell.angle_beta         90.00 
_cell.angle_gamma        120.00 
_cell.Z_PDB              6 
_cell.pdbx_unique_axis   ? 
# 
_symmetry.entry_id                         1MHN 
_symmetry.space_group_name_H-M             'P 65' 
_symmetry.pdbx_full_space_group_name_H-M   ? 
_symmetry.cell_setting                     ? 
_symmetry.Int_Tables_number                170 
# 
_exptl.entry_id          1MHN 
_exptl.method            'X-RAY DIFFRACTION' 
_exptl.crystals_number   1 
# 
_exptl_crystal.id                    1 
_exptl_crystal.density_meas          ? 
_exptl_crystal.density_percent_sol   32.79 
_exptl_crystal.density_Matthews      1.83 
_exptl_crystal.description           ? 
# 
_exptl_crystal_grow.crystal_id      1 
_exptl_crystal_grow.method          'VAPOR DIFFUSION, HANGING DROP' 
_exptl_crystal_grow.temp            285 
_exptl_crystal_grow.temp_details    ? 
_exptl_crystal_grow.pH              4.5 
_exptl_crystal_grow.pdbx_details    'Amonium Sulphate, pH 4.5, VAPOR DIFFUSION, HANGING DROP, temperature 285K' 
_exptl_crystal_grow.pdbx_pH_range   . 
# 
_diffrn.id                     1 
_diffrn.ambient_temp           100 
_diffrn.ambient_temp_details   ? 
_diffrn.crystal_id             1 
# 
_diffrn_detector.diffrn_id              1 
_diffrn_detector.detector               CCD 
_diffrn_detector.type                   'ADSC QUANTUM 4' 
_diffrn_detector.pdbx_collection_date   2001-12-01 
_diffrn_detector.details                ? 
# 
_diffrn_radiation.diffrn_id                        1 
_diffrn_radiation.wavelength_id                    1 
_diffrn_radiation.monochromator                    ? 
_diffrn_radiation.pdbx_monochromatic_or_laue_m_l   M 
_diffrn_radiation.pdbx_diffrn_protocol             'SINGLE WAVELENGTH' 
_diffrn_radiation.pdbx_scattering_type             x-ray 
# 
_diffrn_radiation_wavelength.id           1 
_diffrn_radiation_wavelength.wavelength   0.934 
_diffrn_radiation_wavelength.wt           1.0 
# 
_diffrn_source.diffrn_id                   1 
_diffrn_source.source                      SYNCHROTRON 
_diffrn_source.type                        'ESRF BEAMLINE ID29' 
_diffrn_source.pdbx_synchrotron_site       ESRF 
_diffrn_source.pdbx_synchrotron_beamline   ID29 
_diffrn_source.pdbx_wavelength             ? 
_diffrn_source.pdbx_wavelength_list        0.934 
# 
_reflns.entry_id                     1MHN 
_reflns.observed_criterion_sigma_F   0 
_reflns.observed_criterion_sigma_I   1.0 
_reflns.d_resolution_high            1.8 
_reflns.d_resolution_low             23.95 
_reflns.number_all                   4489 
_reflns.number_obs                   4499 
_reflns.percent_possible_obs         100 
_reflns.pdbx_Rmerge_I_obs            ? 
_reflns.pdbx_Rsym_value              ? 
_reflns.pdbx_netI_over_sigmaI        ? 
_reflns.B_iso_Wilson_estimate        ? 
_reflns.pdbx_redundancy              11.4 
_reflns.R_free_details               ? 
_reflns.limit_h_max                  ? 
_reflns.limit_h_min                  ? 
_reflns.limit_k_max                  ? 
_reflns.limit_k_min                  ? 
_reflns.limit_l_max                  ? 
_reflns.limit_l_min                  ? 
_reflns.observed_criterion_F_max     ? 
_reflns.observed_criterion_F_min     ? 
_reflns.pdbx_diffrn_id               1 
_reflns.pdbx_ordinal                 1 
# 
_reflns_shell.d_res_high             1.8 
_reflns_shell.d_res_low              1.9 
_reflns_shell.percent_possible_all   100 
_reflns_shell.Rmerge_I_obs           ? 
_reflns_shell.pdbx_Rsym_value        ? 
_reflns_shell.meanI_over_sigI_obs    ? 
_reflns_shell.pdbx_redundancy        ? 
_reflns_shell.percent_possible_obs   ? 
_reflns_shell.number_unique_all      ? 
_reflns_shell.pdbx_diffrn_id         ? 
_reflns_shell.pdbx_ordinal           1 
# 
_refine.entry_id                                 1MHN 
_refine.ls_d_res_high                            1.8 
_refine.ls_d_res_low                             23.947 
_refine.pdbx_ls_sigma_F                          0 
_refine.pdbx_ls_sigma_I                          ? 
_refine.ls_number_reflns_all                     4440 
_refine.ls_number_reflns_obs                     4440 
_refine.ls_number_reflns_R_free                  465 
_refine.ls_percent_reflns_obs                    100 
_refine.ls_R_factor_all                          0.1466 
_refine.ls_R_factor_obs                          0.1466 
_refine.ls_R_factor_R_work                       0.1445 
_refine.ls_R_factor_R_free                       0.1871 
_refine.ls_redundancy_reflns_obs                 ? 
_refine.pdbx_data_cutoff_high_absF               ? 
_refine.pdbx_data_cutoff_low_absF                ? 
_refine.ls_number_parameters                     ? 
_refine.ls_number_restraints                     ? 
_refine.ls_percent_reflns_R_free                 ? 
_refine.ls_R_factor_R_free_error                 ? 
_refine.ls_R_factor_R_free_error_details         ? 
_refine.pdbx_method_to_determine_struct          'MOLECULAR REPLACEMENT' 
_refine.pdbx_starting_model                      ? 
_refine.pdbx_ls_cross_valid_method               ? 
_refine.pdbx_R_Free_selection_details            RANDOM 
_refine.pdbx_stereochem_target_val_spec_case     ? 
_refine.pdbx_stereochemistry_target_values       'Engh & Huber' 
_refine.solvent_model_details                    ? 
_refine.solvent_model_param_bsol                 ? 
_refine.solvent_model_param_ksol                 ? 
_refine.occupancy_max                            ? 
_refine.occupancy_min                            ? 
_refine.pdbx_isotropic_thermal_model             Isotropic 
_refine.B_iso_mean                               ? 
_refine.aniso_B[1][1]                            ? 
_refine.aniso_B[1][2]                            ? 
_refine.aniso_B[1][3]                            ? 
_refine.aniso_B[2][2]                            ? 
_refine.aniso_B[2][3]                            ? 
_refine.aniso_B[3][3]                            ? 
_refine.details                                  ? 
_refine.B_iso_min                                ? 
_refine.B_iso_max                                ? 
_refine.correlation_coeff_Fo_to_Fc               ? 
_refine.correlation_coeff_Fo_to_Fc_free          ? 
_refine.pdbx_solvent_vdw_probe_radii             ? 
_refine.pdbx_solvent_ion_probe_radii             ? 
_refine.pdbx_solvent_shrinkage_radii             ? 
_refine.overall_SU_R_Cruickshank_DPI             ? 
_refine.overall_SU_R_free                        ? 
_refine.overall_SU_B                             ? 
_refine.overall_SU_ML                            ? 
_refine.pdbx_overall_ESU_R                       ? 
_refine.pdbx_overall_ESU_R_Free                  ? 
_refine.pdbx_data_cutoff_high_rms_absF           ? 
_refine.pdbx_refine_id                           'X-RAY DIFFRACTION' 
_refine.pdbx_diffrn_id                           1 
_refine.pdbx_TLS_residual_ADP_flag               ? 
_refine.pdbx_overall_phase_error                 ? 
_refine.pdbx_overall_SU_R_free_Cruickshank_DPI   ? 
_refine.pdbx_overall_SU_R_Blow_DPI               ? 
_refine.pdbx_overall_SU_R_free_Blow_DPI          ? 
# 
_refine_hist.pdbx_refine_id                   'X-RAY DIFFRACTION' 
_refine_hist.cycle_id                         LAST 
_refine_hist.pdbx_number_atoms_protein        465 
_refine_hist.pdbx_number_atoms_nucleic_acid   0 
_refine_hist.pdbx_number_atoms_ligand         0 
_refine_hist.number_atoms_solvent             65 
_refine_hist.number_atoms_total               530 
_refine_hist.d_res_high                       1.8 
_refine_hist.d_res_low                        23.947 
# 
_refine_ls_shell.pdbx_total_number_of_bins_used   ? 
_refine_ls_shell.d_res_high                       1.8 
_refine_ls_shell.d_res_low                        1.9 
_refine_ls_shell.number_reflns_R_work             ? 
_refine_ls_shell.R_factor_R_work                  ? 
_refine_ls_shell.percent_reflns_obs               ? 
_refine_ls_shell.R_factor_R_free                  ? 
_refine_ls_shell.R_factor_R_free_error            ? 
_refine_ls_shell.percent_reflns_R_free            ? 
_refine_ls_shell.number_reflns_R_free             ? 
_refine_ls_shell.number_reflns_obs                ? 
_refine_ls_shell.redundancy_reflns_obs            ? 
_refine_ls_shell.number_reflns_all                ? 
_refine_ls_shell.pdbx_refine_id                   'X-RAY DIFFRACTION' 
_refine_ls_shell.R_factor_all                     ? 
# 
_struct.entry_id                  1MHN 
_struct.title                     'High resolution crystal structure of the SMN Tudor domain' 
_struct.pdbx_model_details        ? 
_struct.pdbx_CASP_flag            ? 
_struct.pdbx_model_type_details   ? 
# 
_struct_keywords.entry_id        1MHN 
_struct_keywords.pdbx_keywords   'RNA BINDING PROTEIN' 
_struct_keywords.text            'SMN, SMA, spinal muscular atrophy, RNA BINDING PROTEIN' 
# 
loop_
_struct_asym.id 
_struct_asym.pdbx_blank_PDB_chainid_flag 
_struct_asym.pdbx_modified 
_struct_asym.entity_id 
_struct_asym.details 
A N N 1 ? 
B N N 2 ? 
# 
_struct_ref.id                         1 
_struct_ref.db_name                    UNP 
_struct_ref.db_code                    SMN_HUMAN 
_struct_ref.entity_id                  1 
_struct_ref.pdbx_seq_one_letter_code   LQQWKVGDKCSAIWSEDGCIYPATIASIDFKRETCVVVYTGYGNREEQNLSDLLSPICE 
_struct_ref.pdbx_align_begin           89 
_struct_ref.pdbx_db_accession          Q16637 
_struct_ref.pdbx_db_isoform            ? 
# 
_struct_ref_seq.align_id                      1 
_struct_ref_seq.ref_id                        1 
_struct_ref_seq.pdbx_PDB_id_code              1MHN 
_struct_ref_seq.pdbx_strand_id                A 
_struct_ref_seq.seq_align_beg                 1 
_struct_ref_seq.pdbx_seq_align_beg_ins_code   ? 
_struct_ref_seq.seq_align_end                 59 
_struct_ref_seq.pdbx_seq_align_end_ins_code   ? 
_struct_ref_seq.pdbx_db_accession             Q16637 
_struct_ref_seq.db_align_beg                  89 
_struct_ref_seq.pdbx_db_align_beg_ins_code    ? 
_struct_ref_seq.db_align_end                  147 
_struct_ref_seq.pdbx_db_align_end_ins_code    ? 
_struct_ref_seq.pdbx_auth_seq_align_beg       89 
_struct_ref_seq.pdbx_auth_seq_align_end       147 
# 
_pdbx_struct_assembly.id                   1 
_pdbx_struct_assembly.details              author_defined_assembly 
_pdbx_struct_assembly.method_details       ? 
_pdbx_struct_assembly.oligomeric_details   monomeric 
_pdbx_struct_assembly.oligomeric_count     1 
# 
_pdbx_struct_assembly_gen.assembly_id       1 
_pdbx_struct_assembly_gen.oper_expression   1 
_pdbx_struct_assembly_gen.asym_id_list      A,B 
# 
_pdbx_struct_oper_list.id                   1 
_pdbx_struct_oper_list.type                 'identity operation' 
_pdbx_struct_oper_list.name                 1_555 
_pdbx_struct_oper_list.symmetry_operation   x,y,z 
_pdbx_struct_oper_list.matrix[1][1]         1.0000000000 
_pdbx_struct_oper_list.matrix[1][2]         0.0000000000 
_pdbx_struct_oper_list.matrix[1][3]         0.0000000000 
_pdbx_struct_oper_list.vector[1]            0.0000000000 
_pdbx_struct_oper_list.matrix[2][1]         0.0000000000 
_pdbx_struct_oper_list.matrix[2][2]         1.0000000000 
_pdbx_struct_oper_list.matrix[2][3]         0.0000000000 
_pdbx_struct_oper_list.vector[2]            0.0000000000 
_pdbx_struct_oper_list.matrix[3][1]         0.0000000000 
_pdbx_struct_oper_list.matrix[3][2]         0.0000000000 
_pdbx_struct_oper_list.matrix[3][3]         1.0000000000 
_pdbx_struct_oper_list.vector[3]            0.0000000000 
# 
_struct_biol.id                    1 
_struct_biol.pdbx_parent_biol_id   ? 
_struct_biol.details               ? 
# 
_struct_conf.conf_type_id            HELX_P 
_struct_conf.id                      HELX_P1 
_struct_conf.pdbx_PDB_helix_id       1 
_struct_conf.beg_label_comp_id       SER 
_struct_conf.beg_label_asym_id       A 
_struct_conf.beg_label_seq_id        51 
_struct_conf.pdbx_beg_PDB_ins_code   ? 
_struct_conf.end_label_comp_id       LEU 
_struct_conf.end_label_asym_id       A 
_struct_conf.end_label_seq_id        53 
_struct_conf.pdbx_end_PDB_ins_code   ? 
_struct_conf.beg_auth_comp_id        SER 
_struct_conf.beg_auth_asym_id        A 
_struct_conf.beg_auth_seq_id         139 
_struct_conf.end_auth_comp_id        LEU 
_struct_conf.end_auth_asym_id        A 
_struct_conf.end_auth_seq_id         141 
_struct_conf.pdbx_PDB_helix_class    5 
_struct_conf.details                 ? 
_struct_conf.pdbx_PDB_helix_length   3 
# 
_struct_conf_type.id          HELX_P 
_struct_conf_type.criteria    ? 
_struct_conf_type.reference   ? 
# 
_struct_sheet.id               A 
_struct_sheet.type             ? 
_struct_sheet.number_strands   4 
_struct_sheet.details          ? 
# 
loop_
_struct_sheet_order.sheet_id 
_struct_sheet_order.range_id_1 
_struct_sheet_order.range_id_2 
_struct_sheet_order.offset 
_struct_sheet_order.sense 
A 1 2 ? anti-parallel 
A 2 3 ? anti-parallel 
A 3 4 ? anti-parallel 
# 
loop_
_struct_sheet_range.sheet_id 
_struct_sheet_range.id 
_struct_sheet_range.beg_label_comp_id 
_struct_sheet_range.beg_label_asym_id 
_struct_sheet_range.beg_label_seq_id 
_struct_sheet_range.pdbx_beg_PDB_ins_code 
_struct_sheet_range.end_label_comp_id 
_struct_sheet_range.end_label_asym_id 
_struct_sheet_range.end_label_seq_id 
_struct_sheet_range.pdbx_end_PDB_ins_code 
_struct_sheet_range.beg_auth_comp_id 
_struct_sheet_range.beg_auth_asym_id 
_struct_sheet_range.beg_auth_seq_id 
_struct_sheet_range.end_auth_comp_id 
_struct_sheet_range.end_auth_asym_id 
_struct_sheet_range.end_auth_seq_id 
A 1 LYS A 9  ? ILE A 13 ? LYS A 97  ILE A 101 
A 2 ILE A 20 ? ASP A 29 ? ILE A 108 ASP A 117 
A 3 THR A 34 ? TYR A 39 ? THR A 122 TYR A 127 
A 4 ASN A 44 ? ASN A 49 ? ASN A 132 ASN A 137 
# 
loop_
_pdbx_struct_sheet_hbond.sheet_id 
_pdbx_struct_sheet_hbond.range_id_1 
_pdbx_struct_sheet_hbond.range_id_2 
_pdbx_struct_sheet_hbond.range_1_label_atom_id 
_pdbx_struct_sheet_hbond.range_1_label_comp_id 
_pdbx_struct_sheet_hbond.range_1_label_asym_id 
_pdbx_struct_sheet_hbond.range_1_label_seq_id 
_pdbx_struct_sheet_hbond.range_1_PDB_ins_code 
_pdbx_struct_sheet_hbond.range_1_auth_atom_id 
_pdbx_struct_sheet_hbond.range_1_auth_comp_id 
_pdbx_struct_sheet_hbond.range_1_auth_asym_id 
_pdbx_struct_sheet_hbond.range_1_auth_seq_id 
_pdbx_struct_sheet_hbond.range_2_label_atom_id 
_pdbx_struct_sheet_hbond.range_2_label_comp_id 
_pdbx_struct_sheet_hbond.range_2_label_asym_id 
_pdbx_struct_sheet_hbond.range_2_label_seq_id 
_pdbx_struct_sheet_hbond.range_2_PDB_ins_code 
_pdbx_struct_sheet_hbond.range_2_auth_atom_id 
_pdbx_struct_sheet_hbond.range_2_auth_comp_id 
_pdbx_struct_sheet_hbond.range_2_auth_asym_id 
_pdbx_struct_sheet_hbond.range_2_auth_seq_id 
A 1 2 N CYS A 10 ? N CYS A 98  O ALA A 23 ? O ALA A 111 
A 2 3 N ASP A 29 ? N ASP A 117 O THR A 34 ? O THR A 122 
A 3 4 N CYS A 35 ? N CYS A 123 O GLN A 48 ? O GLN A 136 
# 
loop_
_chem_comp_atom.comp_id 
_chem_comp_atom.atom_id 
_chem_comp_atom.type_symbol 
_chem_comp_atom.pdbx_aromatic_flag 
_chem_comp_atom.pdbx_stereo_config 
_chem_comp_atom.pdbx_ordinal 
ALA N    N N N 1   
ALA CA   C N S 2   
ALA C    C N N 3   
ALA O    O N N 4   
ALA CB   C N N 5   
ALA OXT  O N N 6   
ALA H    H N N 7   
ALA H2   H N N 8   
ALA HA   H N N 9   
ALA HB1  H N N 10  
ALA HB2  H N N 11  
ALA HB3  H N N 12  
ALA HXT  H N N 13  
ARG N    N N N 14  
ARG CA   C N S 15  
ARG C    C N N 16  
ARG O    O N N 17  
ARG CB   C N N 18  
ARG CG   C N N 19  
ARG CD   C N N 20  
ARG NE   N N N 21  
ARG CZ   C N N 22  
ARG NH1  N N N 23  
ARG NH2  N N N 24  
ARG OXT  O N N 25  
ARG H    H N N 26  
ARG H2   H N N 27  
ARG HA   H N N 28  
ARG HB2  H N N 29  
ARG HB3  H N N 30  
ARG HG2  H N N 31  
ARG HG3  H N N 32  
ARG HD2  H N N 33  
ARG HD3  H N N 34  
ARG HE   H N N 35  
ARG HH11 H N N 36  
ARG HH12 H N N 37  
ARG HH21 H N N 38  
ARG HH22 H N N 39  
ARG HXT  H N N 40  
ASN N    N N N 41  
ASN CA   C N S 42  
ASN C    C N N 43  
ASN O    O N N 44  
ASN CB   C N N 45  
ASN CG   C N N 46  
ASN OD1  O N N 47  
ASN ND2  N N N 48  
ASN OXT  O N N 49  
ASN H    H N N 50  
ASN H2   H N N 51  
ASN HA   H N N 52  
ASN HB2  H N N 53  
ASN HB3  H N N 54  
ASN HD21 H N N 55  
ASN HD22 H N N 56  
ASN HXT  H N N 57  
ASP N    N N N 58  
ASP CA   C N S 59  
ASP C    C N N 60  
ASP O    O N N 61  
ASP CB   C N N 62  
ASP CG   C N N 63  
ASP OD1  O N N 64  
ASP OD2  O N N 65  
ASP OXT  O N N 66  
ASP H    H N N 67  
ASP H2   H N N 68  
ASP HA   H N N 69  
ASP HB2  H N N 70  
ASP HB3  H N N 71  
ASP HD2  H N N 72  
ASP HXT  H N N 73  
CYS N    N N N 74  
CYS CA   C N R 75  
CYS C    C N N 76  
CYS O    O N N 77  
CYS CB   C N N 78  
CYS SG   S N N 79  
CYS OXT  O N N 80  
CYS H    H N N 81  
CYS H2   H N N 82  
CYS HA   H N N 83  
CYS HB2  H N N 84  
CYS HB3  H N N 85  
CYS HG   H N N 86  
CYS HXT  H N N 87  
GLN N    N N N 88  
GLN CA   C N S 89  
GLN C    C N N 90  
GLN O    O N N 91  
GLN CB   C N N 92  
GLN CG   C N N 93  
GLN CD   C N N 94  
GLN OE1  O N N 95  
GLN NE2  N N N 96  
GLN OXT  O N N 97  
GLN H    H N N 98  
GLN H2   H N N 99  
GLN HA   H N N 100 
GLN HB2  H N N 101 
GLN HB3  H N N 102 
GLN HG2  H N N 103 
GLN HG3  H N N 104 
GLN HE21 H N N 105 
GLN HE22 H N N 106 
GLN HXT  H N N 107 
GLU N    N N N 108 
GLU CA   C N S 109 
GLU C    C N N 110 
GLU O    O N N 111 
GLU CB   C N N 112 
GLU CG   C N N 113 
GLU CD   C N N 114 
GLU OE1  O N N 115 
GLU OE2  O N N 116 
GLU OXT  O N N 117 
GLU H    H N N 118 
GLU H2   H N N 119 
GLU HA   H N N 120 
GLU HB2  H N N 121 
GLU HB3  H N N 122 
GLU HG2  H N N 123 
GLU HG3  H N N 124 
GLU HE2  H N N 125 
GLU HXT  H N N 126 
GLY N    N N N 127 
GLY CA   C N N 128 
GLY C    C N N 129 
GLY O    O N N 130 
GLY OXT  O N N 131 
GLY H    H N N 132 
GLY H2   H N N 133 
GLY HA2  H N N 134 
GLY HA3  H N N 135 
GLY HXT  H N N 136 
HOH O    O N N 137 
HOH H1   H N N 138 
HOH H2   H N N 139 
ILE N    N N N 140 
ILE CA   C N S 141 
ILE C    C N N 142 
ILE O    O N N 143 
ILE CB   C N S 144 
ILE CG1  C N N 145 
ILE CG2  C N N 146 
ILE CD1  C N N 147 
ILE OXT  O N N 148 
ILE H    H N N 149 
ILE H2   H N N 150 
ILE HA   H N N 151 
ILE HB   H N N 152 
ILE HG12 H N N 153 
ILE HG13 H N N 154 
ILE HG21 H N N 155 
ILE HG22 H N N 156 
ILE HG23 H N N 157 
ILE HD11 H N N 158 
ILE HD12 H N N 159 
ILE HD13 H N N 160 
ILE HXT  H N N 161 
LEU N    N N N 162 
LEU CA   C N S 163 
LEU C    C N N 164 
LEU O    O N N 165 
LEU CB   C N N 166 
LEU CG   C N N 167 
LEU CD1  C N N 168 
LEU CD2  C N N 169 
LEU OXT  O N N 170 
LEU H    H N N 171 
LEU H2   H N N 172 
LEU HA   H N N 173 
LEU HB2  H N N 174 
LEU HB3  H N N 175 
LEU HG   H N N 176 
LEU HD11 H N N 177 
LEU HD12 H N N 178 
LEU HD13 H N N 179 
LEU HD21 H N N 180 
LEU HD22 H N N 181 
LEU HD23 H N N 182 
LEU HXT  H N N 183 
LYS N    N N N 184 
LYS CA   C N S 185 
LYS C    C N N 186 
LYS O    O N N 187 
LYS CB   C N N 188 
LYS CG   C N N 189 
LYS CD   C N N 190 
LYS CE   C N N 191 
LYS NZ   N N N 192 
LYS OXT  O N N 193 
LYS H    H N N 194 
LYS H2   H N N 195 
LYS HA   H N N 196 
LYS HB2  H N N 197 
LYS HB3  H N N 198 
LYS HG2  H N N 199 
LYS HG3  H N N 200 
LYS HD2  H N N 201 
LYS HD3  H N N 202 
LYS HE2  H N N 203 
LYS HE3  H N N 204 
LYS HZ1  H N N 205 
LYS HZ2  H N N 206 
LYS HZ3  H N N 207 
LYS HXT  H N N 208 
PHE N    N N N 209 
PHE CA   C N S 210 
PHE C    C N N 211 
PHE O    O N N 212 
PHE CB   C N N 213 
PHE CG   C Y N 214 
PHE CD1  C Y N 215 
PHE CD2  C Y N 216 
PHE CE1  C Y N 217 
PHE CE2  C Y N 218 
PHE CZ   C Y N 219 
PHE OXT  O N N 220 
PHE H    H N N 221 
PHE H2   H N N 222 
PHE HA   H N N 223 
PHE HB2  H N N 224 
PHE HB3  H N N 225 
PHE HD1  H N N 226 
PHE HD2  H N N 227 
PHE HE1  H N N 228 
PHE HE2  H N N 229 
PHE HZ   H N N 230 
PHE HXT  H N N 231 
PRO N    N N N 232 
PRO CA   C N S 233 
PRO C    C N N 234 
PRO O    O N N 235 
PRO CB   C N N 236 
PRO CG   C N N 237 
PRO CD   C N N 238 
PRO OXT  O N N 239 
PRO H    H N N 240 
PRO HA   H N N 241 
PRO HB2  H N N 242 
PRO HB3  H N N 243 
PRO HG2  H N N 244 
PRO HG3  H N N 245 
PRO HD2  H N N 246 
PRO HD3  H N N 247 
PRO HXT  H N N 248 
SER N    N N N 249 
SER CA   C N S 250 
SER C    C N N 251 
SER O    O N N 252 
SER CB   C N N 253 
SER OG   O N N 254 
SER OXT  O N N 255 
SER H    H N N 256 
SER H2   H N N 257 
SER HA   H N N 258 
SER HB2  H N N 259 
SER HB3  H N N 260 
SER HG   H N N 261 
SER HXT  H N N 262 
THR N    N N N 263 
THR CA   C N S 264 
THR C    C N N 265 
THR O    O N N 266 
THR CB   C N R 267 
THR OG1  O N N 268 
THR CG2  C N N 269 
THR OXT  O N N 270 
THR H    H N N 271 
THR H2   H N N 272 
THR HA   H N N 273 
THR HB   H N N 274 
THR HG1  H N N 275 
THR HG21 H N N 276 
THR HG22 H N N 277 
THR HG23 H N N 278 
THR HXT  H N N 279 
TRP N    N N N 280 
TRP CA   C N S 281 
TRP C    C N N 282 
TRP O    O N N 283 
TRP CB   C N N 284 
TRP CG   C Y N 285 
TRP CD1  C Y N 286 
TRP CD2  C Y N 287 
TRP NE1  N Y N 288 
TRP CE2  C Y N 289 
TRP CE3  C Y N 290 
TRP CZ2  C Y N 291 
TRP CZ3  C Y N 292 
TRP CH2  C Y N 293 
TRP OXT  O N N 294 
TRP H    H N N 295 
TRP H2   H N N 296 
TRP HA   H N N 297 
TRP HB2  H N N 298 
TRP HB3  H N N 299 
TRP HD1  H N N 300 
TRP HE1  H N N 301 
TRP HE3  H N N 302 
TRP HZ2  H N N 303 
TRP HZ3  H N N 304 
TRP HH2  H N N 305 
TRP HXT  H N N 306 
TYR N    N N N 307 
TYR CA   C N S 308 
TYR C    C N N 309 
TYR O    O N N 310 
TYR CB   C N N 311 
TYR CG   C Y N 312 
TYR CD1  C Y N 313 
TYR CD2  C Y N 314 
TYR CE1  C Y N 315 
TYR CE2  C Y N 316 
TYR CZ   C Y N 317 
TYR OH   O N N 318 
TYR OXT  O N N 319 
TYR H    H N N 320 
TYR H2   H N N 321 
TYR HA   H N N 322 
TYR HB2  H N N 323 
TYR HB3  H N N 324 
TYR HD1  H N N 325 
TYR HD2  H N N 326 
TYR HE1  H N N 327 
TYR HE2  H N N 328 
TYR HH   H N N 329 
TYR HXT  H N N 330 
VAL N    N N N 331 
VAL CA   C N S 332 
VAL C    C N N 333 
VAL O    O N N 334 
VAL CB   C N N 335 
VAL CG1  C N N 336 
VAL CG2  C N N 337 
VAL OXT  O N N 338 
VAL H    H N N 339 
VAL H2   H N N 340 
VAL HA   H N N 341 
VAL HB   H N N 342 
VAL HG11 H N N 343 
VAL HG12 H N N 344 
VAL HG13 H N N 345 
VAL HG21 H N N 346 
VAL HG22 H N N 347 
VAL HG23 H N N 348 
VAL HXT  H N N 349 
# 
loop_
_chem_comp_bond.comp_id 
_chem_comp_bond.atom_id_1 
_chem_comp_bond.atom_id_2 
_chem_comp_bond.value_order 
_chem_comp_bond.pdbx_aromatic_flag 
_chem_comp_bond.pdbx_stereo_config 
_chem_comp_bond.pdbx_ordinal 
ALA N   CA   sing N N 1   
ALA N   H    sing N N 2   
ALA N   H2   sing N N 3   
ALA CA  C    sing N N 4   
ALA CA  CB   sing N N 5   
ALA CA  HA   sing N N 6   
ALA C   O    doub N N 7   
ALA C   OXT  sing N N 8   
ALA CB  HB1  sing N N 9   
ALA CB  HB2  sing N N 10  
ALA CB  HB3  sing N N 11  
ALA OXT HXT  sing N N 12  
ARG N   CA   sing N N 13  
ARG N   H    sing N N 14  
ARG N   H2   sing N N 15  
ARG CA  C    sing N N 16  
ARG CA  CB   sing N N 17  
ARG CA  HA   sing N N 18  
ARG C   O    doub N N 19  
ARG C   OXT  sing N N 20  
ARG CB  CG   sing N N 21  
ARG CB  HB2  sing N N 22  
ARG CB  HB3  sing N N 23  
ARG CG  CD   sing N N 24  
ARG CG  HG2  sing N N 25  
ARG CG  HG3  sing N N 26  
ARG CD  NE   sing N N 27  
ARG CD  HD2  sing N N 28  
ARG CD  HD3  sing N N 29  
ARG NE  CZ   sing N N 30  
ARG NE  HE   sing N N 31  
ARG CZ  NH1  sing N N 32  
ARG CZ  NH2  doub N N 33  
ARG NH1 HH11 sing N N 34  
ARG NH1 HH12 sing N N 35  
ARG NH2 HH21 sing N N 36  
ARG NH2 HH22 sing N N 37  
ARG OXT HXT  sing N N 38  
ASN N   CA   sing N N 39  
ASN N   H    sing N N 40  
ASN N   H2   sing N N 41  
ASN CA  C    sing N N 42  
ASN CA  CB   sing N N 43  
ASN CA  HA   sing N N 44  
ASN C   O    doub N N 45  
ASN C   OXT  sing N N 46  
ASN CB  CG   sing N N 47  
ASN CB  HB2  sing N N 48  
ASN CB  HB3  sing N N 49  
ASN CG  OD1  doub N N 50  
ASN CG  ND2  sing N N 51  
ASN ND2 HD21 sing N N 52  
ASN ND2 HD22 sing N N 53  
ASN OXT HXT  sing N N 54  
ASP N   CA   sing N N 55  
ASP N   H    sing N N 56  
ASP N   H2   sing N N 57  
ASP CA  C    sing N N 58  
ASP CA  CB   sing N N 59  
ASP CA  HA   sing N N 60  
ASP C   O    doub N N 61  
ASP C   OXT  sing N N 62  
ASP CB  CG   sing N N 63  
ASP CB  HB2  sing N N 64  
ASP CB  HB3  sing N N 65  
ASP CG  OD1  doub N N 66  
ASP CG  OD2  sing N N 67  
ASP OD2 HD2  sing N N 68  
ASP OXT HXT  sing N N 69  
CYS N   CA   sing N N 70  
CYS N   H    sing N N 71  
CYS N   H2   sing N N 72  
CYS CA  C    sing N N 73  
CYS CA  CB   sing N N 74  
CYS CA  HA   sing N N 75  
CYS C   O    doub N N 76  
CYS C   OXT  sing N N 77  
CYS CB  SG   sing N N 78  
CYS CB  HB2  sing N N 79  
CYS CB  HB3  sing N N 80  
CYS SG  HG   sing N N 81  
CYS OXT HXT  sing N N 82  
GLN N   CA   sing N N 83  
GLN N   H    sing N N 84  
GLN N   H2   sing N N 85  
GLN CA  C    sing N N 86  
GLN CA  CB   sing N N 87  
GLN CA  HA   sing N N 88  
GLN C   O    doub N N 89  
GLN C   OXT  sing N N 90  
GLN CB  CG   sing N N 91  
GLN CB  HB2  sing N N 92  
GLN CB  HB3  sing N N 93  
GLN CG  CD   sing N N 94  
GLN CG  HG2  sing N N 95  
GLN CG  HG3  sing N N 96  
GLN CD  OE1  doub N N 97  
GLN CD  NE2  sing N N 98  
GLN NE2 HE21 sing N N 99  
GLN NE2 HE22 sing N N 100 
GLN OXT HXT  sing N N 101 
GLU N   CA   sing N N 102 
GLU N   H    sing N N 103 
GLU N   H2   sing N N 104 
GLU CA  C    sing N N 105 
GLU CA  CB   sing N N 106 
GLU CA  HA   sing N N 107 
GLU C   O    doub N N 108 
GLU C   OXT  sing N N 109 
GLU CB  CG   sing N N 110 
GLU CB  HB2  sing N N 111 
GLU CB  HB3  sing N N 112 
GLU CG  CD   sing N N 113 
GLU CG  HG2  sing N N 114 
GLU CG  HG3  sing N N 115 
GLU CD  OE1  doub N N 116 
GLU CD  OE2  sing N N 117 
GLU OE2 HE2  sing N N 118 
GLU OXT HXT  sing N N 119 
GLY N   CA   sing N N 120 
GLY N   H    sing N N 121 
GLY N   H2   sing N N 122 
GLY CA  C    sing N N 123 
GLY CA  HA2  sing N N 124 
GLY CA  HA3  sing N N 125 
GLY C   O    doub N N 126 
GLY C   OXT  sing N N 127 
GLY OXT HXT  sing N N 128 
HOH O   H1   sing N N 129 
HOH O   H2   sing N N 130 
ILE N   CA   sing N N 131 
ILE N   H    sing N N 132 
ILE N   H2   sing N N 133 
ILE CA  C    sing N N 134 
ILE CA  CB   sing N N 135 
ILE CA  HA   sing N N 136 
ILE C   O    doub N N 137 
ILE C   OXT  sing N N 138 
ILE CB  CG1  sing N N 139 
ILE CB  CG2  sing N N 140 
ILE CB  HB   sing N N 141 
ILE CG1 CD1  sing N N 142 
ILE CG1 HG12 sing N N 143 
ILE CG1 HG13 sing N N 144 
ILE CG2 HG21 sing N N 145 
ILE CG2 HG22 sing N N 146 
ILE CG2 HG23 sing N N 147 
ILE CD1 HD11 sing N N 148 
ILE CD1 HD12 sing N N 149 
ILE CD1 HD13 sing N N 150 
ILE OXT HXT  sing N N 151 
LEU N   CA   sing N N 152 
LEU N   H    sing N N 153 
LEU N   H2   sing N N 154 
LEU CA  C    sing N N 155 
LEU CA  CB   sing N N 156 
LEU CA  HA   sing N N 157 
LEU C   O    doub N N 158 
LEU C   OXT  sing N N 159 
LEU CB  CG   sing N N 160 
LEU CB  HB2  sing N N 161 
LEU CB  HB3  sing N N 162 
LEU CG  CD1  sing N N 163 
LEU CG  CD2  sing N N 164 
LEU CG  HG   sing N N 165 
LEU CD1 HD11 sing N N 166 
LEU CD1 HD12 sing N N 167 
LEU CD1 HD13 sing N N 168 
LEU CD2 HD21 sing N N 169 
LEU CD2 HD22 sing N N 170 
LEU CD2 HD23 sing N N 171 
LEU OXT HXT  sing N N 172 
LYS N   CA   sing N N 173 
LYS N   H    sing N N 174 
LYS N   H2   sing N N 175 
LYS CA  C    sing N N 176 
LYS CA  CB   sing N N 177 
LYS CA  HA   sing N N 178 
LYS C   O    doub N N 179 
LYS C   OXT  sing N N 180 
LYS CB  CG   sing N N 181 
LYS CB  HB2  sing N N 182 
LYS CB  HB3  sing N N 183 
LYS CG  CD   sing N N 184 
LYS CG  HG2  sing N N 185 
LYS CG  HG3  sing N N 186 
LYS CD  CE   sing N N 187 
LYS CD  HD2  sing N N 188 
LYS CD  HD3  sing N N 189 
LYS CE  NZ   sing N N 190 
LYS CE  HE2  sing N N 191 
LYS CE  HE3  sing N N 192 
LYS NZ  HZ1  sing N N 193 
LYS NZ  HZ2  sing N N 194 
LYS NZ  HZ3  sing N N 195 
LYS OXT HXT  sing N N 196 
PHE N   CA   sing N N 197 
PHE N   H    sing N N 198 
PHE N   H2   sing N N 199 
PHE CA  C    sing N N 200 
PHE CA  CB   sing N N 201 
PHE CA  HA   sing N N 202 
PHE C   O    doub N N 203 
PHE C   OXT  sing N N 204 
PHE CB  CG   sing N N 205 
PHE CB  HB2  sing N N 206 
PHE CB  HB3  sing N N 207 
PHE CG  CD1  doub Y N 208 
PHE CG  CD2  sing Y N 209 
PHE CD1 CE1  sing Y N 210 
PHE CD1 HD1  sing N N 211 
PHE CD2 CE2  doub Y N 212 
PHE CD2 HD2  sing N N 213 
PHE CE1 CZ   doub Y N 214 
PHE CE1 HE1  sing N N 215 
PHE CE2 CZ   sing Y N 216 
PHE CE2 HE2  sing N N 217 
PHE CZ  HZ   sing N N 218 
PHE OXT HXT  sing N N 219 
PRO N   CA   sing N N 220 
PRO N   CD   sing N N 221 
PRO N   H    sing N N 222 
PRO CA  C    sing N N 223 
PRO CA  CB   sing N N 224 
PRO CA  HA   sing N N 225 
PRO C   O    doub N N 226 
PRO C   OXT  sing N N 227 
PRO CB  CG   sing N N 228 
PRO CB  HB2  sing N N 229 
PRO CB  HB3  sing N N 230 
PRO CG  CD   sing N N 231 
PRO CG  HG2  sing N N 232 
PRO CG  HG3  sing N N 233 
PRO CD  HD2  sing N N 234 
PRO CD  HD3  sing N N 235 
PRO OXT HXT  sing N N 236 
SER N   CA   sing N N 237 
SER N   H    sing N N 238 
SER N   H2   sing N N 239 
SER CA  C    sing N N 240 
SER CA  CB   sing N N 241 
SER CA  HA   sing N N 242 
SER C   O    doub N N 243 
SER C   OXT  sing N N 244 
SER CB  OG   sing N N 245 
SER CB  HB2  sing N N 246 
SER CB  HB3  sing N N 247 
SER OG  HG   sing N N 248 
SER OXT HXT  sing N N 249 
THR N   CA   sing N N 250 
THR N   H    sing N N 251 
THR N   H2   sing N N 252 
THR CA  C    sing N N 253 
THR CA  CB   sing N N 254 
THR CA  HA   sing N N 255 
THR C   O    doub N N 256 
THR C   OXT  sing N N 257 
THR CB  OG1  sing N N 258 
THR CB  CG2  sing N N 259 
THR CB  HB   sing N N 260 
THR OG1 HG1  sing N N 261 
THR CG2 HG21 sing N N 262 
THR CG2 HG22 sing N N 263 
THR CG2 HG23 sing N N 264 
THR OXT HXT  sing N N 265 
TRP N   CA   sing N N 266 
TRP N   H    sing N N 267 
TRP N   H2   sing N N 268 
TRP CA  C    sing N N 269 
TRP CA  CB   sing N N 270 
TRP CA  HA   sing N N 271 
TRP C   O    doub N N 272 
TRP C   OXT  sing N N 273 
TRP CB  CG   sing N N 274 
TRP CB  HB2  sing N N 275 
TRP CB  HB3  sing N N 276 
TRP CG  CD1  doub Y N 277 
TRP CG  CD2  sing Y N 278 
TRP CD1 NE1  sing Y N 279 
TRP CD1 HD1  sing N N 280 
TRP CD2 CE2  doub Y N 281 
TRP CD2 CE3  sing Y N 282 
TRP NE1 CE2  sing Y N 283 
TRP NE1 HE1  sing N N 284 
TRP CE2 CZ2  sing Y N 285 
TRP CE3 CZ3  doub Y N 286 
TRP CE3 HE3  sing N N 287 
TRP CZ2 CH2  doub Y N 288 
TRP CZ2 HZ2  sing N N 289 
TRP CZ3 CH2  sing Y N 290 
TRP CZ3 HZ3  sing N N 291 
TRP CH2 HH2  sing N N 292 
TRP OXT HXT  sing N N 293 
TYR N   CA   sing N N 294 
TYR N   H    sing N N 295 
TYR N   H2   sing N N 296 
TYR CA  C    sing N N 297 
TYR CA  CB   sing N N 298 
TYR CA  HA   sing N N 299 
TYR C   O    doub N N 300 
TYR C   OXT  sing N N 301 
TYR CB  CG   sing N N 302 
TYR CB  HB2  sing N N 303 
TYR CB  HB3  sing N N 304 
TYR CG  CD1  doub Y N 305 
TYR CG  CD2  sing Y N 306 
TYR CD1 CE1  sing Y N 307 
TYR CD1 HD1  sing N N 308 
TYR CD2 CE2  doub Y N 309 
TYR CD2 HD2  sing N N 310 
TYR CE1 CZ   doub Y N 311 
TYR CE1 HE1  sing N N 312 
TYR CE2 CZ   sing Y N 313 
TYR CE2 HE2  sing N N 314 
TYR CZ  OH   sing N N 315 
TYR OH  HH   sing N N 316 
TYR OXT HXT  sing N N 317 
VAL N   CA   sing N N 318 
VAL N   H    sing N N 319 
VAL N   H2   sing N N 320 
VAL CA  C    sing N N 321 
VAL CA  CB   sing N N 322 
VAL CA  HA   sing N N 323 
VAL C   O    doub N N 324 
VAL C   OXT  sing N N 325 
VAL CB  CG1  sing N N 326 
VAL CB  CG2  sing N N 327 
VAL CB  HB   sing N N 328 
VAL CG1 HG11 sing N N 329 
VAL CG1 HG12 sing N N 330 
VAL CG1 HG13 sing N N 331 
VAL CG2 HG21 sing N N 332 
VAL CG2 HG22 sing N N 333 
VAL CG2 HG23 sing N N 334 
VAL OXT HXT  sing N N 335 
# 
_atom_sites.entry_id                    1MHN 
_atom_sites.fract_transf_matrix[1][1]   0.01656496 
_atom_sites.fract_transf_matrix[1][2]   0.02914359 
_atom_sites.fract_transf_matrix[1][3]   -0.02490021 
_atom_sites.fract_transf_matrix[2][1]   0.03835346 
_atom_sites.fract_transf_matrix[2][2]   -0.00526049 
_atom_sites.fract_transf_matrix[2][3]   -0.01565738 
_atom_sites.fract_transf_matrix[3][1]   -0.00352573 
_atom_sites.fract_transf_matrix[3][2]   -0.00417616 
_atom_sites.fract_transf_matrix[3][3]   -0.00723335 
_atom_sites.fract_transf_vector[1]      -0.223766 
_atom_sites.fract_transf_vector[2]      -0.396417 
_atom_sites.fract_transf_vector[3]      0.014743 
# 
loop_
_atom_type.symbol 
C 
N 
O 
S 
# 
loop_
_atom_site.group_PDB 
_atom_site.id 
_atom_site.type_symbol 
_atom_site.label_atom_id 
_atom_site.label_alt_id 
_atom_site.label_comp_id 
_atom_site.label_asym_id 
_atom_site.label_entity_id 
_atom_site.label_seq_id 
_atom_site.pdbx_PDB_ins_code 
_atom_site.Cartn_x 
_atom_site.Cartn_y 
_atom_site.Cartn_z 
_atom_site.occupancy 
_atom_site.B_iso_or_equiv 
_atom_site.pdbx_formal_charge 
_atom_site.auth_seq_id 
_atom_site.auth_comp_id 
_atom_site.auth_asym_id 
_atom_site.auth_atom_id 
_atom_site.pdbx_PDB_model_num 
ATOM   1   N N   . LEU A 1 1  ? -10.803 -7.978  2.840   1.00 24.98 ? 89  LEU A N   1 
ATOM   2   C CA  . LEU A 1 1  ? -9.805  -7.128  3.516   1.00 24.12 ? 89  LEU A CA  1 
ATOM   3   C C   . LEU A 1 1  ? -8.925  -8.054  4.312   1.00 23.96 ? 89  LEU A C   1 
ATOM   4   O O   . LEU A 1 1  ? -9.396  -9.067  4.853   1.00 24.32 ? 89  LEU A O   1 
ATOM   5   C CB  . LEU A 1 1  ? -10.475 -6.113  4.474   1.00 23.63 ? 89  LEU A CB  1 
ATOM   6   C CG  . LEU A 1 1  ? -11.321 -4.974  3.930   1.00 26.77 ? 89  LEU A CG  1 
ATOM   7   C CD1 . LEU A 1 1  ? -12.246 -4.403  4.968   1.00 25.38 ? 89  LEU A CD1 1 
ATOM   8   C CD2 . LEU A 1 1  ? -10.427 -3.869  3.376   1.00 25.60 ? 89  LEU A CD2 1 
ATOM   9   N N   . GLN A 1 2  ? -7.639  -7.711  4.396   1.00 22.23 ? 90  GLN A N   1 
ATOM   10  C CA  . GLN A 1 2  ? -6.759  -8.321  5.374   1.00 22.13 ? 90  GLN A CA  1 
ATOM   11  C C   . GLN A 1 2  ? -6.505  -7.318  6.504   1.00 20.54 ? 90  GLN A C   1 
ATOM   12  O O   . GLN A 1 2  ? -6.817  -6.122  6.398   1.00 18.15 ? 90  GLN A O   1 
ATOM   13  C CB  . GLN A 1 2  ? -5.446  -8.777  4.714   1.00 22.97 ? 90  GLN A CB  1 
ATOM   14  C CG  . GLN A 1 2  ? -5.688  -9.492  3.387   1.00 28.57 ? 90  GLN A CG  1 
ATOM   15  C CD  . GLN A 1 2  ? -4.521  -10.304 2.912   1.00 36.43 ? 90  GLN A CD  1 
ATOM   16  O OE1 . GLN A 1 2  ? -3.613  -9.770  2.253   1.00 38.45 ? 90  GLN A OE1 1 
ATOM   17  N NE2 . GLN A 1 2  ? -4.536  -11.609 3.221   1.00 39.04 ? 90  GLN A NE2 1 
ATOM   18  N N   . GLN A 1 3  ? -5.925  -7.802  7.592   1.00 19.57 ? 91  GLN A N   1 
ATOM   19  C CA  . GLN A 1 3  ? -5.619  -6.958  8.728   1.00 18.47 ? 91  GLN A CA  1 
ATOM   20  C C   . GLN A 1 3  ? -4.292  -6.268  8.414   1.00 18.52 ? 91  GLN A C   1 
ATOM   21  O O   . GLN A 1 3  ? -3.217  -6.906  8.150   1.00 20.83 ? 91  GLN A O   1 
ATOM   22  C CB  . GLN A 1 3  ? -5.525  -7.768  10.043  1.00 19.16 ? 91  GLN A CB  1 
ATOM   23  C CG  . GLN A 1 3  ? -6.856  -8.347  10.496  1.00 22.55 ? 91  GLN A CG  1 
ATOM   24  C CD  . GLN A 1 3  ? -6.745  -9.502  11.515  1.00 28.43 ? 91  GLN A CD  1 
ATOM   25  O OE1 . GLN A 1 3  ? -5.720  -10.212 11.590  1.00 33.66 ? 91  GLN A OE1 1 
ATOM   26  N NE2 . GLN A 1 3  ? -7.805  -9.703  12.276  1.00 27.12 ? 91  GLN A NE2 1 
ATOM   27  N N   . TRP A 1 4  ? -4.359  -4.964  8.410   1.00 16.19 ? 92  TRP A N   1 
ATOM   28  C CA  . TRP A 1 4  ? -3.187  -4.180  8.155   1.00 14.81 ? 92  TRP A CA  1 
ATOM   29  C C   . TRP A 1 4  ? -3.035  -3.210  9.309   1.00 15.35 ? 92  TRP A C   1 
ATOM   30  O O   . TRP A 1 4  ? -4.032  -2.811  9.947   1.00 15.05 ? 92  TRP A O   1 
ATOM   31  C CB  . TRP A 1 4  ? -3.388  -3.424  6.847   1.00 14.17 ? 92  TRP A CB  1 
ATOM   32  C CG  . TRP A 1 4  ? -3.392  -4.331  5.664   1.00 12.91 ? 92  TRP A CG  1 
ATOM   33  C CD1 . TRP A 1 4  ? -4.489  -4.696  4.905   1.00 13.33 ? 92  TRP A CD1 1 
ATOM   34  C CD2 . TRP A 1 4  ? -2.266  -5.010  5.084   1.00 13.52 ? 92  TRP A CD2 1 
ATOM   35  N NE1 . TRP A 1 4  ? -4.107  -5.525  3.876   1.00 15.53 ? 92  TRP A NE1 1 
ATOM   36  C CE2 . TRP A 1 4  ? -2.748  -5.749  3.969   1.00 15.15 ? 92  TRP A CE2 1 
ATOM   37  C CE3 . TRP A 1 4  ? -0.885  -5.052  5.378   1.00 11.66 ? 92  TRP A CE3 1 
ATOM   38  C CZ2 . TRP A 1 4  ? -1.902  -6.533  3.153   1.00 15.45 ? 92  TRP A CZ2 1 
ATOM   39  C CZ3 . TRP A 1 4  ? -0.048  -5.823  4.573   1.00 12.34 ? 92  TRP A CZ3 1 
ATOM   40  C CH2 . TRP A 1 4  ? -0.565  -6.559  3.466   1.00 13.15 ? 92  TRP A CH2 1 
ATOM   41  N N   . LYS A 1 5  ? -1.797  -2.765  9.509   1.00 15.43 ? 93  LYS A N   1 
ATOM   42  C CA  . LYS A 1 5  ? -1.531  -1.735  10.499  1.00 14.65 ? 93  LYS A CA  1 
ATOM   43  C C   . LYS A 1 5  ? -0.526  -0.743  9.949   1.00 14.04 ? 93  LYS A C   1 
ATOM   44  O O   . LYS A 1 5  ? 0.237   -1.050  9.019   1.00 12.98 ? 93  LYS A O   1 
ATOM   45  C CB  . LYS A 1 5  ? -1.057  -2.343  11.820  1.00 15.47 ? 93  LYS A CB  1 
ATOM   46  C CG  . LYS A 1 5  ? 0.232   -3.058  11.807  1.00 19.62 ? 93  LYS A CG  1 
ATOM   47  C CD  . LYS A 1 5  ? 0.200   -4.161  12.913  1.00 27.90 ? 93  LYS A CD  1 
ATOM   48  C CE  . LYS A 1 5  ? 1.457   -5.045  12.834  1.00 27.15 ? 93  LYS A CE  1 
ATOM   49  N NZ  . LYS A 1 5  ? 2.532   -4.185  13.344  1.00 32.85 ? 93  LYS A NZ  1 
ATOM   50  N N   . VAL A 1 6  ? -0.530  0.446   10.506  1.00 12.55 ? 94  VAL A N   1 
ATOM   51  C CA  . VAL A 1 6  ? 0.409   1.478   10.079  1.00 13.46 ? 94  VAL A CA  1 
ATOM   52  C C   . VAL A 1 6  ? 1.809   0.903   10.278  1.00 13.78 ? 94  VAL A C   1 
ATOM   53  O O   . VAL A 1 6  ? 2.111   0.234   11.322  1.00 14.88 ? 94  VAL A O   1 
ATOM   54  C CB  . VAL A 1 6  ? 0.221   2.786   10.884  1.00 13.04 ? 94  VAL A CB  1 
ATOM   55  C CG1 . VAL A 1 6  ? 1.304   3.820   10.541  1.00 12.39 ? 94  VAL A CG1 1 
ATOM   56  C CG2 . VAL A 1 6  ? -1.141  3.426   10.566  1.00 14.56 ? 94  VAL A CG2 1 
ATOM   57  N N   . GLY A 1 7  ? 2.669   1.140   9.294   1.00 13.03 ? 95  GLY A N   1 
ATOM   58  C CA  . GLY A 1 7  ? 4.045   0.686   9.377   1.00 13.55 ? 95  GLY A CA  1 
ATOM   59  C C   . GLY A 1 7  ? 4.235   -0.699  8.760   1.00 12.52 ? 95  GLY A C   1 
ATOM   60  O O   . GLY A 1 7  ? 5.373   -1.131  8.572   1.00 14.03 ? 95  GLY A O   1 
ATOM   61  N N   . ASP A 1 8  ? 3.151   -1.418  8.475   1.00 13.27 ? 96  ASP A N   1 
ATOM   62  C CA  . ASP A 1 8  ? 3.269   -2.784  7.882   1.00 11.63 ? 96  ASP A CA  1 
ATOM   63  C C   . ASP A 1 8  ? 3.936   -2.729  6.533   1.00 12.60 ? 96  ASP A C   1 
ATOM   64  O O   . ASP A 1 8  ? 3.764   -1.751  5.802   1.00 10.59 ? 96  ASP A O   1 
ATOM   65  C CB  . ASP A 1 8  ? 1.915   -3.445  7.650   1.00 12.58 ? 96  ASP A CB  1 
ATOM   66  C CG  . ASP A 1 8  ? 1.441   -4.231  8.810   1.00 15.59 ? 96  ASP A CG  1 
ATOM   67  O OD1 . ASP A 1 8  ? 2.279   -4.554  9.721   1.00 17.45 ? 96  ASP A OD1 1 
ATOM   68  O OD2 . ASP A 1 8  ? 0.227   -4.613  8.873   1.00 15.07 ? 96  ASP A OD2 1 
ATOM   69  N N   . LYS A 1 9  ? 4.741   -3.749  6.219   1.00 10.27 ? 97  LYS A N   1 
ATOM   70  C CA  . LYS A 1 9  ? 5.268   -3.876  4.875   1.00 11.34 ? 97  LYS A CA  1 
ATOM   71  C C   . LYS A 1 9  ? 4.201   -4.540  4.005   1.00 10.56 ? 97  LYS A C   1 
ATOM   72  O O   . LYS A 1 9  ? 3.569   -5.528  4.407   1.00 10.62 ? 97  LYS A O   1 
ATOM   73  C CB  . LYS A 1 9  ? 6.485   -4.794  4.866   1.00 10.78 ? 97  LYS A CB  1 
ATOM   74  C CG  . LYS A 1 9  ? 7.703   -4.247  5.602   1.00 16.39 ? 97  LYS A CG  1 
ATOM   75  C CD  . LYS A 1 9  ? 8.731   -5.448  5.540   1.00 23.84 ? 97  LYS A CD  1 
ATOM   76  C CE  . LYS A 1 9  ? 10.094  -5.163  6.137   1.00 31.15 ? 97  LYS A CE  1 
ATOM   77  N NZ  . LYS A 1 9  ? 11.139  -5.506  5.124   1.00 33.93 ? 97  LYS A NZ  1 
ATOM   78  N N   . CYS A 1 10 ? 4.048   -4.063  2.781   1.00 11.64 ? 98  CYS A N   1 
ATOM   79  C CA  . CYS A 1 10 ? 3.088   -4.684  1.890   1.00 10.84 ? 98  CYS A CA  1 
ATOM   80  C C   . CYS A 1 10 ? 3.648   -4.474  0.460   1.00 11.41 ? 98  CYS A C   1 
ATOM   81  O O   . CYS A 1 10 ? 4.761   -3.954  0.285   1.00 12.26 ? 98  CYS A O   1 
ATOM   82  C CB  . CYS A 1 10 ? 1.697   -4.024  2.029   1.00 12.56 ? 98  CYS A CB  1 
ATOM   83  S SG  . CYS A 1 10 ? 1.680   -2.293  1.513   1.00 13.22 ? 98  CYS A SG  1 
ATOM   84  N N   . SER A 1 11 ? 2.883   -4.876  -0.551  1.00 10.29 ? 99  SER A N   1 
ATOM   85  C CA  . SER A 1 11 ? 3.186   -4.455  -1.906  1.00 9.74  ? 99  SER A CA  1 
ATOM   86  C C   . SER A 1 11 ? 1.892   -3.928  -2.508  1.00 9.45  ? 99  SER A C   1 
ATOM   87  O O   . SER A 1 11 ? 0.823   -4.197  -2.002  1.00 9.89  ? 99  SER A O   1 
ATOM   88  C CB  . SER A 1 11 ? 3.724   -5.642  -2.688  1.00 11.97 ? 99  SER A CB  1 
ATOM   89  O OG  . SER A 1 11 ? 5.018   -5.961  -2.104  1.00 10.62 ? 99  SER A OG  1 
ATOM   90  N N   . ALA A 1 12 ? 2.009   -3.085  -3.521  1.00 10.80 ? 100 ALA A N   1 
ATOM   91  C CA  . ALA A 1 12 ? 0.793   -2.565  -4.123  1.00 10.51 ? 100 ALA A CA  1 
ATOM   92  C C   . ALA A 1 12 ? 1.037   -2.215  -5.562  1.00 11.16 ? 100 ALA A C   1 
ATOM   93  O O   . ALA A 1 12 ? 2.177   -2.023  -5.982  1.00 10.85 ? 100 ALA A O   1 
ATOM   94  C CB  . ALA A 1 12 ? 0.315   -1.302  -3.300  1.00 11.66 ? 100 ALA A CB  1 
ATOM   95  N N   . ILE A 1 13 ? -0.047  -2.156  -6.345  1.00 12.15 ? 101 ILE A N   1 
ATOM   96  C CA  . ILE A 1 13 ? 0.065   -1.728  -7.729  1.00 12.14 ? 101 ILE A CA  1 
ATOM   97  C C   . ILE A 1 13 ? 0.112   -0.218  -7.793  1.00 13.09 ? 101 ILE A C   1 
ATOM   98  O O   . ILE A 1 13 ? -0.852  0.462   -7.398  1.00 12.15 ? 101 ILE A O   1 
ATOM   99  C CB  . ILE A 1 13 ? -1.181  -2.297  -8.546  1.00 11.75 ? 101 ILE A CB  1 
ATOM   100 C CG1 . ILE A 1 13 ? -1.263  -3.832  -8.366  1.00 12.63 ? 101 ILE A CG1 1 
ATOM   101 C CG2 . ILE A 1 13 ? -1.144  -1.834  -9.982  1.00 11.99 ? 101 ILE A CG2 1 
ATOM   102 C CD1 . ILE A 1 13 ? -2.642  -4.501  -8.860  1.00 13.30 ? 101 ILE A CD1 1 
ATOM   103 N N   . TRP A 1 14 ? 1.178   0.334   -8.346  1.00 13.23 ? 102 TRP A N   1 
ATOM   104 C CA  . TRP A 1 14 ? 1.266   1.775   -8.480  1.00 15.00 ? 102 TRP A CA  1 
ATOM   105 C C   . TRP A 1 14 ? 0.412   2.243   -9.661  1.00 16.94 ? 102 TRP A C   1 
ATOM   106 O O   . TRP A 1 14 ? 0.490   1.669   -10.753 1.00 15.64 ? 102 TRP A O   1 
ATOM   107 C CB  . TRP A 1 14 ? 2.705   2.142   -8.740  1.00 17.63 ? 102 TRP A CB  1 
ATOM   108 C CG  . TRP A 1 14 ? 3.066   3.559   -8.462  1.00 19.22 ? 102 TRP A CG  1 
ATOM   109 C CD1 . TRP A 1 14 ? 2.237   4.659   -8.380  1.00 20.09 ? 102 TRP A CD1 1 
ATOM   110 C CD2 . TRP A 1 14 ? 4.391   4.026   -8.213  1.00 21.77 ? 102 TRP A CD2 1 
ATOM   111 N NE1 . TRP A 1 14 ? 2.989   5.782   -8.094  1.00 22.51 ? 102 TRP A NE1 1 
ATOM   112 C CE2 . TRP A 1 14 ? 4.311   5.410   -7.975  1.00 23.67 ? 102 TRP A CE2 1 
ATOM   113 C CE3 . TRP A 1 14 ? 5.653   3.389   -8.132  1.00 23.79 ? 102 TRP A CE3 1 
ATOM   114 C CZ2 . TRP A 1 14 ? 5.454   6.186   -7.694  1.00 26.89 ? 102 TRP A CZ2 1 
ATOM   115 C CZ3 . TRP A 1 14 ? 6.781   4.139   -7.843  1.00 25.93 ? 102 TRP A CZ3 1 
ATOM   116 C CH2 . TRP A 1 14 ? 6.677   5.533   -7.626  1.00 27.49 ? 102 TRP A CH2 1 
ATOM   117 N N   . SER A 1 15 ? -0.397  3.272   -9.445  1.00 17.32 ? 103 SER A N   1 
ATOM   118 C CA  . SER A 1 15 ? -1.380  3.647   -10.468 1.00 20.48 ? 103 SER A CA  1 
ATOM   119 C C   . SER A 1 15 ? -0.717  4.307   -11.663 1.00 20.42 ? 103 SER A C   1 
ATOM   120 O O   . SER A 1 15 ? -1.336  4.439   -12.733 1.00 20.80 ? 103 SER A O   1 
ATOM   121 C CB  . SER A 1 15 ? -2.523  4.521   -9.915  1.00 20.20 ? 103 SER A CB  1 
ATOM   122 O OG  . SER A 1 15 ? -2.022  5.773   -9.467  1.00 26.42 ? 103 SER A OG  1 
ATOM   123 N N   . GLU A 1 16 ? 0.531   4.714   -11.488 1.00 20.34 ? 104 GLU A N   1 
ATOM   124 C CA  . GLU A 1 16 ? 1.265   5.401   -12.543 1.00 22.28 ? 104 GLU A CA  1 
ATOM   125 C C   . GLU A 1 16 ? 1.691   4.454   -13.664 1.00 20.57 ? 104 GLU A C   1 
ATOM   126 O O   . GLU A 1 16 ? 1.761   4.852   -14.845 1.00 20.50 ? 104 GLU A O   1 
ATOM   127 C CB  . GLU A 1 16 ? 2.469   6.146   -11.923 1.00 24.78 ? 104 GLU A CB  1 
ATOM   128 C CG  . GLU A 1 16 ? 3.838   5.832   -12.489 1.00 30.32 ? 104 GLU A CG  1 
ATOM   129 C CD  . GLU A 1 16 ? 4.911   5.789   -11.414 1.00 38.29 ? 104 GLU A CD  1 
ATOM   130 O OE1 . GLU A 1 16 ? 5.129   6.850   -10.759 1.00 39.09 ? 104 GLU A OE1 1 
ATOM   131 O OE2 . GLU A 1 16 ? 5.503   4.684   -11.230 1.00 38.17 ? 104 GLU A OE2 1 
ATOM   132 N N   . ASP A 1 17 ? 1.984   3.209   -13.329 1.00 18.29 ? 105 ASP A N   1 
ATOM   133 C CA  . ASP A 1 17 ? 2.483   2.301   -14.374 1.00 17.58 ? 105 ASP A CA  1 
ATOM   134 C C   . ASP A 1 17 ? 1.868   0.926   -14.359 1.00 14.68 ? 105 ASP A C   1 
ATOM   135 O O   . ASP A 1 17 ? 2.173   0.135   -15.241 1.00 16.83 ? 105 ASP A O   1 
ATOM   136 C CB  . ASP A 1 17 ? 4.026   2.227   -14.415 1.00 17.63 ? 105 ASP A CB  1 
ATOM   137 C CG  . ASP A 1 17 ? 4.603   1.450   -13.238 1.00 20.47 ? 105 ASP A CG  1 
ATOM   138 O OD1 . ASP A 1 17 ? 3.837   1.105   -12.304 1.00 16.43 ? 105 ASP A OD1 1 
ATOM   139 O OD2 . ASP A 1 17 ? 5.793   1.120   -13.186 1.00 20.50 ? 105 ASP A OD2 1 
ATOM   140 N N   . GLY A 1 18 ? 0.978   0.646   -13.391 1.00 13.48 ? 106 GLY A N   1 
ATOM   141 C CA  . GLY A 1 18 ? 0.313   -0.644  -13.272 1.00 11.88 ? 106 GLY A CA  1 
ATOM   142 C C   . GLY A 1 18 ? 1.217   -1.793  -12.854 1.00 13.55 ? 106 GLY A C   1 
ATOM   143 O O   . GLY A 1 18 ? 0.898   -2.943  -13.122 1.00 13.22 ? 106 GLY A O   1 
ATOM   144 N N   . CYS A 1 19 ? 2.347   -1.468  -12.217 1.00 13.06 ? 107 CYS A N   1 
ATOM   145 C CA  . CYS A 1 19 ? 3.302   -2.496  -11.767 1.00 14.57 ? 107 CYS A CA  1 
ATOM   146 C C   . CYS A 1 19 ? 3.264   -2.605  -10.255 1.00 13.39 ? 107 CYS A C   1 
ATOM   147 O O   . CYS A 1 19 ? 2.890   -1.650  -9.592  1.00 13.06 ? 107 CYS A O   1 
ATOM   148 C CB  . CYS A 1 19 ? 4.709   -2.097  -12.156 1.00 14.21 ? 107 CYS A CB  1 
ATOM   149 S SG  . CYS A 1 19 ? 4.966   -2.154  -13.973 1.00 20.69 ? 107 CYS A SG  1 
ATOM   150 N N   . ILE A 1 20 ? 3.725   -3.741  -9.744  1.00 12.60 ? 108 ILE A N   1 
ATOM   151 C CA  . ILE A 1 20 ? 3.719   -3.989  -8.308  1.00 12.49 ? 108 ILE A CA  1 
ATOM   152 C C   . ILE A 1 20 ? 4.998   -3.402  -7.711  1.00 11.02 ? 108 ILE A C   1 
ATOM   153 O O   . ILE A 1 20 ? 6.074   -3.614  -8.290  1.00 11.27 ? 108 ILE A O   1 
ATOM   154 C CB  . ILE A 1 20 ? 3.721   -5.468  -8.042  1.00 12.05 ? 108 ILE A CB  1 
ATOM   155 C CG1 . ILE A 1 20 ? 2.403   -6.120  -8.498  1.00 14.13 ? 108 ILE A CG1 1 
ATOM   156 C CG2 . ILE A 1 20 ? 3.904   -5.753  -6.480  1.00 12.86 ? 108 ILE A CG2 1 
ATOM   157 C CD1 . ILE A 1 20 ? 2.462   -7.686  -8.461  1.00 18.26 ? 108 ILE A CD1 1 
ATOM   158 N N   . TYR A 1 21 ? 4.903   -2.733  -6.548  1.00 10.20 ? 109 TYR A N   1 
ATOM   159 C CA  . TYR A 1 21 ? 6.095   -2.203  -5.895  1.00 10.90 ? 109 TYR A CA  1 
ATOM   160 C C   . TYR A 1 21 ? 6.026   -2.509  -4.437  1.00 11.43 ? 109 TYR A C   1 
ATOM   161 O O   . TYR A 1 21 ? 4.932   -2.558  -3.901  1.00 10.59 ? 109 TYR A O   1 
ATOM   162 C CB  . TYR A 1 21 ? 6.188   -0.705  -6.065  1.00 12.34 ? 109 TYR A CB  1 
ATOM   163 C CG  . TYR A 1 21 ? 6.575   -0.311  -7.473  1.00 14.56 ? 109 TYR A CG  1 
ATOM   164 C CD1 . TYR A 1 21 ? 5.572   -0.060  -8.462  1.00 15.29 ? 109 TYR A CD1 1 
ATOM   165 C CD2 . TYR A 1 21 ? 7.884   -0.183  -7.830  1.00 17.04 ? 109 TYR A CD2 1 
ATOM   166 C CE1 . TYR A 1 21 ? 5.883   0.292   -9.735  1.00 14.67 ? 109 TYR A CE1 1 
ATOM   167 C CE2 . TYR A 1 21 ? 8.226   0.198   -9.164  1.00 17.35 ? 109 TYR A CE2 1 
ATOM   168 C CZ  . TYR A 1 21 ? 7.209   0.426   -10.101 1.00 18.16 ? 109 TYR A CZ  1 
ATOM   169 O OH  . TYR A 1 21 ? 7.528   0.818   -11.386 1.00 20.05 ? 109 TYR A OH  1 
ATOM   170 N N   . PRO A 1 22 ? 7.176   -2.701  -3.753  1.00 11.19 ? 110 PRO A N   1 
ATOM   171 C CA  . PRO A 1 22 ? 7.146   -2.821  -2.289  1.00 11.58 ? 110 PRO A CA  1 
ATOM   172 C C   . PRO A 1 22 ? 6.724   -1.487  -1.683  1.00 10.75 ? 110 PRO A C   1 
ATOM   173 O O   . PRO A 1 22 ? 7.090   -0.412  -2.179  1.00 11.36 ? 110 PRO A O   1 
ATOM   174 C CB  . PRO A 1 22 ? 8.636   -3.053  -1.925  1.00 10.04 ? 110 PRO A CB  1 
ATOM   175 C CG  . PRO A 1 22 ? 9.448   -2.427  -3.104  1.00 11.06 ? 110 PRO A CG  1 
ATOM   176 C CD  . PRO A 1 22 ? 8.550   -2.769  -4.293  1.00 13.79 ? 110 PRO A CD  1 
ATOM   177 N N   . ALA A 1 23 ? 6.015   -1.554  -0.555  1.00 10.42 ? 111 ALA A N   1 
ATOM   178 C CA  . ALA A 1 23 ? 5.532   -0.348  0.103   1.00 10.95 ? 111 ALA A CA  1 
ATOM   179 C C   . ALA A 1 23 ? 5.424   -0.562  1.610   1.00 11.55 ? 111 ALA A C   1 
ATOM   180 O O   . ALA A 1 23 ? 5.513   -1.707  2.081   1.00 10.55 ? 111 ALA A O   1 
ATOM   181 C CB  . ALA A 1 23 ? 4.180   0.024   -0.471  1.00 9.80  ? 111 ALA A CB  1 
ATOM   182 N N   . THR A 1 24 ? 5.333   0.560   2.339   1.00 11.13 ? 112 THR A N   1 
ATOM   183 C CA  . THR A 1 24 ? 5.023   0.622   3.784   1.00 12.64 ? 112 THR A CA  1 
ATOM   184 C C   . THR A 1 24 ? 3.718   1.434   3.952   1.00 12.50 ? 112 THR A C   1 
ATOM   185 O O   . THR A 1 24 ? 3.518   2.433   3.260   1.00 13.72 ? 112 THR A O   1 
ATOM   186 C CB  . THR A 1 24 ? 6.139   1.390   4.504   1.00 11.23 ? 112 THR A CB  1 
ATOM   187 O OG1 . THR A 1 24 ? 7.399   0.744   4.221   1.00 17.52 ? 112 THR A OG1 1 
ATOM   188 C CG2 . THR A 1 24 ? 5.966   1.229   5.956   1.00 15.61 ? 112 THR A CG2 1 
ATOM   189 N N   . ILE A 1 25 ? 2.832   0.992   4.851   1.00 12.93 ? 113 ILE A N   1 
ATOM   190 C CA  . ILE A 1 25 ? 1.618   1.725   5.144   1.00 11.97 ? 113 ILE A CA  1 
ATOM   191 C C   . ILE A 1 25 ? 1.919   2.903   6.054   1.00 12.75 ? 113 ILE A C   1 
ATOM   192 O O   . ILE A 1 25 ? 2.455   2.719   7.141   1.00 12.84 ? 113 ILE A O   1 
ATOM   193 C CB  . ILE A 1 25 ? 0.545   0.841   5.769   1.00 12.62 ? 113 ILE A CB  1 
ATOM   194 C CG1 . ILE A 1 25 ? 0.187   -0.332  4.830   1.00 9.88  ? 113 ILE A CG1 1 
ATOM   195 C CG2 . ILE A 1 25 ? -0.707  1.712   6.091   1.00 10.79 ? 113 ILE A CG2 1 
ATOM   196 C CD1 . ILE A 1 25 ? -0.692  -1.419  5.519   1.00 10.89 ? 113 ILE A CD1 1 
ATOM   197 N N   . ALA A 1 26 ? 1.571   4.091   5.584   1.00 13.06 ? 114 ALA A N   1 
ATOM   198 C CA  . ALA A 1 26 ? 1.845   5.374   6.263   1.00 14.44 ? 114 ALA A CA  1 
ATOM   199 C C   . ALA A 1 26 ? 0.657   5.820   7.125   1.00 14.15 ? 114 ALA A C   1 
ATOM   200 O O   . ALA A 1 26 ? 0.844   6.510   8.112   1.00 13.53 ? 114 ALA A O   1 
ATOM   201 C CB  . ALA A 1 26 ? 2.132   6.471   5.216   1.00 13.48 ? 114 ALA A CB  1 
ATOM   202 N N   . SER A 1 27 ? -0.550  5.473   6.702   1.00 13.78 ? 115 SER A N   1 
ATOM   203 C CA  . SER A 1 27 ? -1.765  5.904   7.396   1.00 13.59 ? 115 SER A CA  1 
ATOM   204 C C   . SER A 1 27 ? -2.893  5.023   6.928   1.00 12.87 ? 115 SER A C   1 
ATOM   205 O O   . SER A 1 27 ? -2.862  4.526   5.795   1.00 12.31 ? 115 SER A O   1 
ATOM   206 C CB  . SER A 1 27 ? -2.085  7.381   7.139   1.00 14.19 ? 115 SER A CB  1 
ATOM   207 O OG  . SER A 1 27 ? -2.381  7.641   5.772   1.00 16.14 ? 115 SER A OG  1 
ATOM   208 N N   . ILE A 1 28 ? -3.878  4.802   7.783   1.00 12.82 ? 116 ILE A N   1 
ATOM   209 C CA  . ILE A 1 28 ? -5.074  4.082   7.340   1.00 13.35 ? 116 ILE A CA  1 
ATOM   210 C C   . ILE A 1 28 ? -6.329  4.927   7.707   1.00 13.79 ? 116 ILE A C   1 
ATOM   211 O O   . ILE A 1 28 ? -6.404  5.505   8.782   1.00 15.12 ? 116 ILE A O   1 
ATOM   212 C CB  . ILE A 1 28 ? -5.153  2.696   8.004   1.00 13.26 ? 116 ILE A CB  1 
ATOM   213 C CG1 . ILE A 1 28 ? -3.921  1.806   7.668   1.00 12.72 ? 116 ILE A CG1 1 
ATOM   214 C CG2 . ILE A 1 28 ? -6.457  1.931   7.634   1.00 12.87 ? 116 ILE A CG2 1 
ATOM   215 C CD1 . ILE A 1 28 ? -3.801  0.613   8.555   1.00 13.05 ? 116 ILE A CD1 1 
ATOM   216 N N   . ASP A 1 29 ? -7.281  4.976   6.808   1.00 13.13 ? 117 ASP A N   1 
ATOM   217 C CA  . ASP A 1 29 ? -8.575  5.592   7.081   1.00 14.69 ? 117 ASP A CA  1 
ATOM   218 C C   . ASP A 1 29 ? -9.600  4.504   7.070   1.00 15.18 ? 117 ASP A C   1 
ATOM   219 O O   . ASP A 1 29 ? -10.099 4.061   6.007   1.00 15.48 ? 117 ASP A O   1 
ATOM   220 C CB  . ASP A 1 29 ? -8.837  6.675   6.017   1.00 14.24 ? 117 ASP A CB  1 
ATOM   221 C CG  . ASP A 1 29 ? -10.166 7.389   6.202   1.00 18.13 ? 117 ASP A CG  1 
ATOM   222 O OD1 . ASP A 1 29 ? -11.069 6.875   6.905   1.00 19.47 ? 117 ASP A OD1 1 
ATOM   223 O OD2 . ASP A 1 29 ? -10.362 8.467   5.630   1.00 20.06 ? 117 ASP A OD2 1 
ATOM   224 N N   . PHE A 1 30 ? -9.910  4.032   8.277   1.00 15.31 ? 118 PHE A N   1 
ATOM   225 C CA  . PHE A 1 30 ? -10.723 2.842   8.418   1.00 16.43 ? 118 PHE A CA  1 
ATOM   226 C C   . PHE A 1 30 ? -12.145 3.120   7.942   1.00 17.80 ? 118 PHE A C   1 
ATOM   227 O O   . PHE A 1 30 ? -12.751 2.262   7.319   1.00 19.78 ? 118 PHE A O   1 
ATOM   228 C CB  . PHE A 1 30 ? -10.683 2.345   9.873   1.00 15.86 ? 118 PHE A CB  1 
ATOM   229 C CG  . PHE A 1 30 ? -9.443  1.565   10.197  1.00 15.90 ? 118 PHE A CG  1 
ATOM   230 C CD1 . PHE A 1 30 ? -8.501  2.059   11.119  1.00 18.31 ? 118 PHE A CD1 1 
ATOM   231 C CD2 . PHE A 1 30 ? -9.182  0.357   9.561   1.00 17.37 ? 118 PHE A CD2 1 
ATOM   232 C CE1 . PHE A 1 30 ? -7.326  1.359   11.349  1.00 15.60 ? 118 PHE A CE1 1 
ATOM   233 C CE2 . PHE A 1 30 ? -7.998  -0.359  9.817   1.00 17.36 ? 118 PHE A CE2 1 
ATOM   234 C CZ  . PHE A 1 30 ? -7.092  0.142   10.717  1.00 14.32 ? 118 PHE A CZ  1 
ATOM   235 N N   . LYS A 1 31 ? -12.656 4.323   8.177   1.00 18.51 ? 119 LYS A N   1 
ATOM   236 C CA  . LYS A 1 31 ? -14.041 4.628   7.779   1.00 20.39 ? 119 LYS A CA  1 
ATOM   237 C C   . LYS A 1 31 ? -14.234 4.571   6.262   1.00 18.80 ? 119 LYS A C   1 
ATOM   238 O O   . LYS A 1 31 ? -15.283 4.118   5.775   1.00 20.18 ? 119 LYS A O   1 
ATOM   239 C CB  . LYS A 1 31 ? -14.514 5.981   8.334   1.00 21.63 ? 119 LYS A CB  1 
ATOM   240 C CG  . LYS A 1 31 ? -15.612 5.846   9.448   1.00 28.48 ? 119 LYS A CG  1 
ATOM   241 C CD  . LYS A 1 31 ? -15.479 6.941   10.541  1.00 36.13 ? 119 LYS A CD  1 
ATOM   242 C CE  . LYS A 1 31 ? -16.046 6.519   11.926  1.00 38.94 ? 119 LYS A CE  1 
ATOM   243 N NZ  . LYS A 1 31 ? -15.140 6.954   13.075  1.00 41.55 ? 119 LYS A NZ  1 
ATOM   244 N N   . ARG A 1 32 ? -13.213 4.999   5.517   1.00 17.23 ? 120 ARG A N   1 
ATOM   245 C CA  . ARG A 1 32 ? -13.287 4.943   4.058   1.00 15.97 ? 120 ARG A CA  1 
ATOM   246 C C   . ARG A 1 32 ? -12.655 3.686   3.467   1.00 16.15 ? 120 ARG A C   1 
ATOM   247 O O   . ARG A 1 32 ? -12.769 3.434   2.269   1.00 15.94 ? 120 ARG A O   1 
ATOM   248 C CB  . ARG A 1 32 ? -12.674 6.197   3.453   1.00 16.59 ? 120 ARG A CB  1 
ATOM   249 C CG  . ARG A 1 32 ? -13.346 7.469   3.958   1.00 15.54 ? 120 ARG A CG  1 
ATOM   250 C CD  . ARG A 1 32 ? -13.202 8.647   3.041   1.00 16.50 ? 120 ARG A CD  1 
ATOM   251 N NE  . ARG A 1 32 ? -13.760 9.858   3.674   1.00 15.46 ? 120 ARG A NE  1 
ATOM   252 C CZ  . ARG A 1 32 ? -15.035 10.274  3.490   1.00 15.79 ? 120 ARG A CZ  1 
ATOM   253 N NH1 . ARG A 1 32 ? -15.858 9.619   2.673   1.00 13.86 ? 120 ARG A NH1 1 
ATOM   254 N NH2 . ARG A 1 32 ? -15.454 11.379  4.069   1.00 13.79 ? 120 ARG A NH2 1 
ATOM   255 N N   . GLU A 1 33 ? -12.029 2.886   4.333   1.00 15.83 ? 121 GLU A N   1 
ATOM   256 C CA  . GLU A 1 33 ? -11.325 1.654   3.955   1.00 16.50 ? 121 GLU A CA  1 
ATOM   257 C C   . GLU A 1 33 ? -10.188 1.934   2.971   1.00 15.79 ? 121 GLU A C   1 
ATOM   258 O O   . GLU A 1 33 ? -9.927  1.169   2.041   1.00 17.02 ? 121 GLU A O   1 
ATOM   259 C CB  . GLU A 1 33 ? -12.309 0.608   3.411   1.00 16.84 ? 121 GLU A CB  1 
ATOM   260 C CG  . GLU A 1 33 ? -13.370 0.216   4.419   1.00 21.26 ? 121 GLU A CG  1 
ATOM   261 C CD  . GLU A 1 33 ? -12.891 -0.656  5.591   1.00 27.84 ? 121 GLU A CD  1 
ATOM   262 O OE1 . GLU A 1 33 ? -11.712 -0.706  5.947   1.00 30.26 ? 121 GLU A OE1 1 
ATOM   263 O OE2 . GLU A 1 33 ? -13.749 -1.313  6.197   1.00 34.42 ? 121 GLU A OE2 1 
ATOM   264 N N   . THR A 1 34 ? -9.508  3.025   3.193   1.00 14.63 ? 122 THR A N   1 
ATOM   265 C CA  . THR A 1 34 ? -8.374  3.345   2.360   1.00 14.44 ? 122 THR A CA  1 
ATOM   266 C C   . THR A 1 34 ? -7.152  3.474   3.244   1.00 12.73 ? 122 THR A C   1 
ATOM   267 O O   . THR A 1 34 ? -7.241  3.530   4.497   1.00 12.77 ? 122 THR A O   1 
ATOM   268 C CB  . THR A 1 34 ? -8.573  4.663   1.538   1.00 15.00 ? 122 THR A CB  1 
ATOM   269 O OG1 . THR A 1 34 ? -8.735  5.786   2.415   1.00 14.90 ? 122 THR A OG1 1 
ATOM   270 C CG2 . THR A 1 34 ? -9.884  4.640   0.732   1.00 17.82 ? 122 THR A CG2 1 
ATOM   271 N N   . CYS A 1 35 ? -6.014  3.535   2.580   1.00 12.36 ? 123 CYS A N   1 
ATOM   272 C CA  . CYS A 1 35 ? -4.770  3.866   3.272   1.00 12.67 ? 123 CYS A CA  1 
ATOM   273 C C   . CYS A 1 35 ? -3.881  4.666   2.338   1.00 12.83 ? 123 CYS A C   1 
ATOM   274 O O   . CYS A 1 35 ? -4.198  4.810   1.148   1.00 13.81 ? 123 CYS A O   1 
ATOM   275 C CB  . CYS A 1 35 ? -4.078  2.595   3.740   1.00 11.40 ? 123 CYS A CB  1 
ATOM   276 S SG  . CYS A 1 35 ? -3.645  1.514   2.330   1.00 13.78 ? 123 CYS A SG  1 
ATOM   277 N N   . VAL A 1 36 ? -2.800  5.227   2.876   1.00 11.72 ? 124 VAL A N   1 
ATOM   278 C CA  . VAL A 1 36 ? -1.749  5.793   2.069   1.00 12.15 ? 124 VAL A CA  1 
ATOM   279 C C   . VAL A 1 36 ? -0.528  4.848   2.247   1.00 12.46 ? 124 VAL A C   1 
ATOM   280 O O   . VAL A 1 36 ? -0.129  4.528   3.364   1.00 11.23 ? 124 VAL A O   1 
ATOM   281 C CB  . VAL A 1 36 ? -1.351  7.174   2.513   1.00 13.52 ? 124 VAL A CB  1 
ATOM   282 C CG1 . VAL A 1 36 ? -0.072  7.697   1.738   1.00 14.49 ? 124 VAL A CG1 1 
ATOM   283 C CG2 . VAL A 1 36 ? -2.508  8.134   2.331   1.00 13.54 ? 124 VAL A CG2 1 
ATOM   284 N N   . VAL A 1 37 ? 0.043   4.444   1.120   1.00 11.94 ? 125 VAL A N   1 
ATOM   285 C CA  . VAL A 1 37 ? 1.325   3.710   1.122   1.00 12.01 ? 125 VAL A CA  1 
ATOM   286 C C   . VAL A 1 37 ? 2.450   4.549   0.548   1.00 11.98 ? 125 VAL A C   1 
ATOM   287 O O   . VAL A 1 37 ? 2.236   5.462   -0.291  1.00 14.06 ? 125 VAL A O   1 
ATOM   288 C CB  . VAL A 1 37 ? 1.219   2.358   0.371   1.00 11.85 ? 125 VAL A CB  1 
ATOM   289 C CG1 . VAL A 1 37 ? 0.071   1.584   0.909   1.00 10.80 ? 125 VAL A CG1 1 
ATOM   290 C CG2 . VAL A 1 37 ? 0.995   2.563   -1.157  1.00 13.39 ? 125 VAL A CG2 1 
ATOM   291 N N   . VAL A 1 38 ? 3.666   4.240   1.006   1.00 11.36 ? 126 VAL A N   1 
ATOM   292 C CA  . VAL A 1 38 ? 4.845   4.874   0.493   1.00 12.68 ? 126 VAL A CA  1 
ATOM   293 C C   . VAL A 1 38 ? 5.651   3.789   -0.204  1.00 12.94 ? 126 VAL A C   1 
ATOM   294 O O   . VAL A 1 38 ? 6.014   2.791   0.406   1.00 12.27 ? 126 VAL A O   1 
ATOM   295 C CB  . VAL A 1 38 ? 5.678   5.489   1.628   1.00 13.33 ? 126 VAL A CB  1 
ATOM   296 C CG1 . VAL A 1 38 ? 7.009   6.055   1.111   1.00 14.79 ? 126 VAL A CG1 1 
ATOM   297 C CG2 . VAL A 1 38 ? 4.856   6.594   2.384   1.00 14.04 ? 126 VAL A CG2 1 
ATOM   298 N N   . TYR A 1 39 ? 5.935   4.000   -1.473  1.00 13.53 ? 127 TYR A N   1 
ATOM   299 C CA  . TYR A 1 39 ? 6.667   3.001   -2.231  1.00 13.83 ? 127 TYR A CA  1 
ATOM   300 C C   . TYR A 1 39 ? 8.123   3.079   -1.830  1.00 15.12 ? 127 TYR A C   1 
ATOM   301 O O   . TYR A 1 39 ? 8.778   4.090   -2.031  1.00 14.70 ? 127 TYR A O   1 
ATOM   302 C CB  . TYR A 1 39 ? 6.487   3.214   -3.721  1.00 12.96 ? 127 TYR A CB  1 
ATOM   303 C CG  . TYR A 1 39 ? 5.066   3.004   -4.114  1.00 12.64 ? 127 TYR A CG  1 
ATOM   304 C CD1 . TYR A 1 39 ? 4.276   4.100   -4.486  1.00 12.69 ? 127 TYR A CD1 1 
ATOM   305 C CD2 . TYR A 1 39 ? 4.467   1.708   -4.029  1.00 12.95 ? 127 TYR A CD2 1 
ATOM   306 C CE1 . TYR A 1 39 ? 2.888   3.924   -4.841  1.00 14.20 ? 127 TYR A CE1 1 
ATOM   307 C CE2 . TYR A 1 39 ? 3.099   1.550   -4.358  1.00 14.11 ? 127 TYR A CE2 1 
ATOM   308 C CZ  . TYR A 1 39 ? 2.339   2.656   -4.783  1.00 13.71 ? 127 TYR A CZ  1 
ATOM   309 O OH  . TYR A 1 39 ? 0.993   2.498   -5.107  1.00 14.52 ? 127 TYR A OH  1 
ATOM   310 N N   . THR A 1 40 ? 8.571   1.976   -1.250  1.00 16.87 ? 128 THR A N   1 
ATOM   311 C CA  . THR A 1 40 ? 9.880   1.834   -0.572  1.00 17.00 ? 128 THR A CA  1 
ATOM   312 C C   . THR A 1 40 ? 11.041  2.051   -1.483  1.00 16.18 ? 128 THR A C   1 
ATOM   313 O O   . THR A 1 40 ? 11.333  1.199   -2.340  1.00 19.10 ? 128 THR A O   1 
ATOM   314 C CB  . THR A 1 40 ? 9.995   0.372   -0.093  1.00 17.63 ? 128 THR A CB  1 
ATOM   315 O OG1 . THR A 1 40 ? 8.995   0.103   0.865   1.00 18.88 ? 128 THR A OG1 1 
ATOM   316 C CG2 . THR A 1 40 ? 11.278  0.122   0.683   1.00 21.38 ? 128 THR A CG2 1 
ATOM   317 N N   . GLY A 1 41 ? 11.755  3.148   -1.288  1.00 16.38 ? 129 GLY A N   1 
ATOM   318 C CA  . GLY A 1 41 ? 12.899  3.431   -2.099  1.00 16.60 ? 129 GLY A CA  1 
ATOM   319 C C   . GLY A 1 41 ? 12.538  4.092   -3.413  1.00 18.07 ? 129 GLY A C   1 
ATOM   320 O O   . GLY A 1 41 ? 13.421  4.308   -4.270  1.00 18.86 ? 129 GLY A O   1 
ATOM   321 N N   . TYR A 1 42 ? 11.258  4.432   -3.577  1.00 17.89 ? 130 TYR A N   1 
ATOM   322 C CA  . TYR A 1 42 ? 10.794  5.096   -4.779  1.00 18.37 ? 130 TYR A CA  1 
ATOM   323 C C   . TYR A 1 42 ? 10.287  6.527   -4.529  1.00 19.33 ? 130 TYR A C   1 
ATOM   324 O O   . TYR A 1 42 ? 9.832   7.200   -5.472  1.00 19.21 ? 130 TYR A O   1 
ATOM   325 C CB  . TYR A 1 42 ? 9.711   4.263   -5.442  1.00 18.52 ? 130 TYR A CB  1 
ATOM   326 C CG  . TYR A 1 42 ? 10.198  2.911   -5.885  1.00 18.99 ? 130 TYR A CG  1 
ATOM   327 C CD1 . TYR A 1 42 ? 10.073  1.801   -5.066  1.00 20.70 ? 130 TYR A CD1 1 
ATOM   328 C CD2 . TYR A 1 42 ? 10.823  2.745   -7.125  1.00 18.98 ? 130 TYR A CD2 1 
ATOM   329 C CE1 . TYR A 1 42 ? 10.530  0.547   -5.475  1.00 21.80 ? 130 TYR A CE1 1 
ATOM   330 C CE2 . TYR A 1 42 ? 11.261  1.509   -7.534  1.00 20.61 ? 130 TYR A CE2 1 
ATOM   331 C CZ  . TYR A 1 42 ? 11.123  0.413   -6.705  1.00 23.14 ? 130 TYR A CZ  1 
ATOM   332 O OH  . TYR A 1 42 ? 11.579  -0.844  -7.091  1.00 27.79 ? 130 TYR A OH  1 
ATOM   333 N N   . GLY A 1 43 ? 10.297  6.950   -3.257  1.00 18.30 ? 131 GLY A N   1 
ATOM   334 C CA  . GLY A 1 43 ? 10.080  8.331   -2.860  1.00 18.95 ? 131 GLY A CA  1 
ATOM   335 C C   . GLY A 1 43 ? 8.718   8.908   -3.089  1.00 20.71 ? 131 GLY A C   1 
ATOM   336 O O   . GLY A 1 43 ? 8.560   10.128  -3.102  1.00 21.00 ? 131 GLY A O   1 
ATOM   337 N N   . ASN A 1 44 ? 7.726   8.044   -3.295  1.00 20.36 ? 132 ASN A N   1 
ATOM   338 C CA  . ASN A 1 44 ? 6.421   8.491   -3.733  1.00 21.54 ? 132 ASN A CA  1 
ATOM   339 C C   . ASN A 1 44 ? 5.358   7.782   -2.910  1.00 20.96 ? 132 ASN A C   1 
ATOM   340 O O   . ASN A 1 44 ? 5.606   6.704   -2.378  1.00 20.70 ? 132 ASN A O   1 
ATOM   341 C CB  . ASN A 1 44 ? 6.211   8.135   -5.218  1.00 22.58 ? 132 ASN A CB  1 
ATOM   342 C CG  . ASN A 1 44 ? 6.567   9.278   -6.161  1.00 27.86 ? 132 ASN A CG  1 
ATOM   343 O OD1 . ASN A 1 44 ? 7.480   9.150   -6.993  1.00 31.24 ? 132 ASN A OD1 1 
ATOM   344 N ND2 . ASN A 1 44 ? 5.849   10.414  -6.037  1.00 32.44 ? 132 ASN A ND2 1 
ATOM   345 N N   . ARG A 1 45 ? 4.172   8.377   -2.816  1.00 20.25 ? 133 ARG A N   1 
ATOM   346 C CA  . ARG A 1 45 ? 3.109   7.798   -2.028  1.00 19.80 ? 133 ARG A CA  1 
ATOM   347 C C   . ARG A 1 45 ? 1.798   7.820   -2.805  1.00 20.40 ? 133 ARG A C   1 
ATOM   348 O O   . ARG A 1 45 ? 1.635   8.563   -3.782  1.00 19.90 ? 133 ARG A O   1 
ATOM   349 C CB  . ARG A 1 45 ? 2.966   8.570   -0.706  1.00 20.38 ? 133 ARG A CB  1 
ATOM   350 C CG  . ARG A 1 45 ? 2.262   9.901   -0.914  1.00 22.71 ? 133 ARG A CG  1 
ATOM   351 C CD  . ARG A 1 45 ? 2.103   10.689  0.342   1.00 25.76 ? 133 ARG A CD  1 
ATOM   352 N NE  . ARG A 1 45 ? 3.409   11.098  0.809   1.00 26.60 ? 133 ARG A NE  1 
ATOM   353 C CZ  . ARG A 1 45 ? 3.625   11.579  2.008   1.00 26.60 ? 133 ARG A CZ  1 
ATOM   354 N NH1 . ARG A 1 45 ? 2.598   11.713  2.834   1.00 28.78 ? 133 ARG A NH1 1 
ATOM   355 N NH2 . ARG A 1 45 ? 4.852   11.937  2.365   1.00 22.60 ? 133 ARG A NH2 1 
ATOM   356 N N   . GLU A 1 46 ? 0.838   7.042   -2.344  1.00 18.63 ? 134 GLU A N   1 
ATOM   357 C CA  . GLU A 1 46 ? -0.396  6.929   -3.074  1.00 20.06 ? 134 GLU A CA  1 
ATOM   358 C C   . GLU A 1 46 ? -1.464  6.398   -2.134  1.00 19.00 ? 134 GLU A C   1 
ATOM   359 O O   . GLU A 1 46 ? -1.162  5.574   -1.276  1.00 18.38 ? 134 GLU A O   1 
ATOM   360 C CB  . GLU A 1 46 ? -0.134  5.970   -4.247  1.00 19.72 ? 134 GLU A CB  1 
ATOM   361 C CG  . GLU A 1 46 ? -1.300  5.263   -4.827  1.00 24.74 ? 134 GLU A CG  1 
ATOM   362 C CD  . GLU A 1 46 ? -1.010  4.945   -6.266  1.00 28.00 ? 134 GLU A CD  1 
ATOM   363 O OE1 . GLU A 1 46 ? -0.458  3.888   -6.537  1.00 25.35 ? 134 GLU A OE1 1 
ATOM   364 O OE2 . GLU A 1 46 ? -1.314  5.802   -7.108  1.00 34.34 ? 134 GLU A OE2 1 
ATOM   365 N N   . GLU A 1 47 ? -2.711  6.881   -2.289  1.00 18.23 ? 135 GLU A N   1 
ATOM   366 C CA  . GLU A 1 47 ? -3.852  6.255   -1.642  1.00 17.78 ? 135 GLU A CA  1 
ATOM   367 C C   . GLU A 1 47 ? -4.171  4.968   -2.328  1.00 16.52 ? 135 GLU A C   1 
ATOM   368 O O   . GLU A 1 47 ? -4.157  4.883   -3.572  1.00 16.85 ? 135 GLU A O   1 
ATOM   369 C CB  . GLU A 1 47 ? -5.076  7.199   -1.692  1.00 20.25 ? 135 GLU A CB  1 
ATOM   370 C CG  . GLU A 1 47 ? -6.296  6.738   -0.904  1.00 25.46 ? 135 GLU A CG  1 
ATOM   371 C CD  . GLU A 1 47 ? -7.085  7.947   -0.422  1.00 35.03 ? 135 GLU A CD  1 
ATOM   372 O OE1 . GLU A 1 47 ? -7.989  8.390   -1.166  1.00 35.95 ? 135 GLU A OE1 1 
ATOM   373 O OE2 . GLU A 1 47 ? -6.751  8.492   0.664   1.00 39.30 ? 135 GLU A OE2 1 
ATOM   374 N N   . GLN A 1 48 ? -4.483  3.963   -1.523  1.00 14.27 ? 136 GLN A N   1 
ATOM   375 C CA  . GLN A 1 48 ? -4.876  2.642   -1.961  1.00 14.69 ? 136 GLN A CA  1 
ATOM   376 C C   . GLN A 1 48 ? -6.107  2.232   -1.164  1.00 15.36 ? 136 GLN A C   1 
ATOM   377 O O   . GLN A 1 48 ? -6.237  2.573   0.026   1.00 15.68 ? 136 GLN A O   1 
ATOM   378 C CB  . GLN A 1 48 ? -3.777  1.586   -1.658  1.00 14.28 ? 136 GLN A CB  1 
ATOM   379 C CG  . GLN A 1 48 ? -2.512  1.699   -2.467  1.00 13.40 ? 136 GLN A CG  1 
ATOM   380 C CD  . GLN A 1 48 ? -2.581  1.107   -3.883  1.00 15.88 ? 136 GLN A CD  1 
ATOM   381 O OE1 . GLN A 1 48 ? -3.427  0.258   -4.189  1.00 16.89 ? 136 GLN A OE1 1 
ATOM   382 N NE2 . GLN A 1 48 ? -1.649  1.540   -4.736  1.00 14.22 ? 136 GLN A NE2 1 
ATOM   383 N N   . ASN A 1 49 ? -7.016  1.497   -1.791  1.00 15.31 ? 137 ASN A N   1 
ATOM   384 C CA  . ASN A 1 49 ? -8.017  0.780   -1.016  1.00 16.53 ? 137 ASN A CA  1 
ATOM   385 C C   . ASN A 1 49 ? -7.302  -0.285  -0.222  1.00 15.03 ? 137 ASN A C   1 
ATOM   386 O O   . ASN A 1 49 ? -6.397  -0.946  -0.752  1.00 13.44 ? 137 ASN A O   1 
ATOM   387 C CB  . ASN A 1 49 ? -9.036  0.108   -1.917  1.00 18.97 ? 137 ASN A CB  1 
ATOM   388 C CG  . ASN A 1 49 ? -9.802  1.111   -2.746  1.00 22.69 ? 137 ASN A CG  1 
ATOM   389 O OD1 . ASN A 1 49 ? -10.207 2.160   -2.241  1.00 21.51 ? 137 ASN A OD1 1 
ATOM   390 N ND2 . ASN A 1 49 ? -9.950  0.820   -4.041  1.00 23.88 ? 137 ASN A ND2 1 
ATOM   391 N N   . LEU A 1 50 ? -7.662  -0.435  1.053   1.00 13.95 ? 138 LEU A N   1 
ATOM   392 C CA  . LEU A 1 50 ? -7.103  -1.550  1.836   1.00 13.03 ? 138 LEU A CA  1 
ATOM   393 C C   . LEU A 1 50 ? -7.303  -2.900  1.111   1.00 13.55 ? 138 LEU A C   1 
ATOM   394 O O   . LEU A 1 50 ? -6.398  -3.749  1.152   1.00 12.76 ? 138 LEU A O   1 
ATOM   395 C CB  . LEU A 1 50 ? -7.726  -1.625  3.232   1.00 12.70 ? 138 LEU A CB  1 
ATOM   396 C CG  . LEU A 1 50 ? -7.314  -0.521  4.198   1.00 14.13 ? 138 LEU A CG  1 
ATOM   397 C CD1 . LEU A 1 50 ? -8.240  -0.476  5.330   1.00 15.22 ? 138 LEU A CD1 1 
ATOM   398 C CD2 . LEU A 1 50 ? -5.884  -0.822  4.690   1.00 12.31 ? 138 LEU A CD2 1 
ATOM   399 N N   . SER A 1 51 ? -8.440  -3.096  0.427   1.00 12.04 ? 139 SER A N   1 
ATOM   400 C CA  . SER A 1 51 ? -8.704  -4.386  -0.235  1.00 14.70 ? 139 SER A CA  1 
ATOM   401 C C   . SER A 1 51 ? -7.702  -4.705  -1.351  1.00 14.00 ? 139 SER A C   1 
ATOM   402 O O   . SER A 1 51 ? -7.620  -5.852  -1.773  1.00 16.53 ? 139 SER A O   1 
ATOM   403 C CB  . SER A 1 51 ? -10.130 -4.468  -0.812  1.00 13.76 ? 139 SER A CB  1 
ATOM   404 O OG  . SER A 1 51 ? -10.329 -3.354  -1.638  1.00 17.61 ? 139 SER A OG  1 
ATOM   405 N N   . ASP A 1 52 ? -7.001  -3.697  -1.841  1.00 14.52 ? 140 ASP A N   1 
ATOM   406 C CA  . ASP A 1 52 ? -6.113  -3.830  -2.988  1.00 13.21 ? 140 ASP A CA  1 
ATOM   407 C C   . ASP A 1 52 ? -4.664  -4.076  -2.576  1.00 13.57 ? 140 ASP A C   1 
ATOM   408 O O   . ASP A 1 52 ? -3.815  -4.267  -3.459  1.00 13.77 ? 140 ASP A O   1 
ATOM   409 C CB  . ASP A 1 52 ? -6.149  -2.583  -3.873  1.00 13.35 ? 140 ASP A CB  1 
ATOM   410 C CG  . ASP A 1 52 ? -7.463  -2.424  -4.625  1.00 14.72 ? 140 ASP A CG  1 
ATOM   411 O OD1 . ASP A 1 52 ? -8.164  -3.436  -4.829  1.00 18.24 ? 140 ASP A OD1 1 
ATOM   412 O OD2 . ASP A 1 52 ? -7.829  -1.308  -5.044  1.00 17.84 ? 140 ASP A OD2 1 
ATOM   413 N N   . LEU A 1 53 ? -4.370  -4.079  -1.264  1.00 11.97 ? 141 LEU A N   1 
ATOM   414 C CA  . LEU A 1 53 ? -2.956  -4.284  -0.832  1.00 11.52 ? 141 LEU A CA  1 
ATOM   415 C C   . LEU A 1 53 ? -2.611  -5.750  -1.036  1.00 11.40 ? 141 LEU A C   1 
ATOM   416 O O   . LEU A 1 53 ? -3.484  -6.648  -0.957  1.00 11.40 ? 141 LEU A O   1 
ATOM   417 C CB  . LEU A 1 53 ? -2.773  -3.883  0.650   1.00 10.24 ? 141 LEU A CB  1 
ATOM   418 C CG  . LEU A 1 53 ? -2.962  -2.383  0.895   1.00 10.59 ? 141 LEU A CG  1 
ATOM   419 C CD1 . LEU A 1 53 ? -2.715  -2.192  2.433   1.00 10.72 ? 141 LEU A CD1 1 
ATOM   420 C CD2 . LEU A 1 53 ? -2.063  -1.423  0.091   1.00 8.38  ? 141 LEU A CD2 1 
ATOM   421 N N   . LEU A 1 54 ? -1.324  -5.990  -1.299  1.00 12.13 ? 142 LEU A N   1 
ATOM   422 C CA  . LEU A 1 54 ? -0.829  -7.317  -1.537  1.00 10.57 ? 142 LEU A CA  1 
ATOM   423 C C   . LEU A 1 54 ? 0.221   -7.696  -0.500  1.00 11.42 ? 142 LEU A C   1 
ATOM   424 O O   . LEU A 1 54 ? 0.873   -6.839  0.126   1.00 10.91 ? 142 LEU A O   1 
ATOM   425 C CB  . LEU A 1 54 ? -0.167  -7.396  -2.906  1.00 10.93 ? 142 LEU A CB  1 
ATOM   426 C CG  . LEU A 1 54 ? -0.901  -6.807  -4.137  1.00 13.72 ? 142 LEU A CG  1 
ATOM   427 C CD1 . LEU A 1 54 ? 0.005   -6.639  -5.334  1.00 13.71 ? 142 LEU A CD1 1 
ATOM   428 C CD2 . LEU A 1 54 ? -2.079  -7.721  -4.424  1.00 15.19 ? 142 LEU A CD2 1 
ATOM   429 N N   . SER A 1 55 ? 0.400   -8.993  -0.382  1.00 11.77 ? 143 SER A N   1 
ATOM   430 C CA  . SER A 1 55 ? 1.509   -9.568  0.393   1.00 12.35 ? 143 SER A CA  1 
ATOM   431 C C   . SER A 1 55 ? 2.829   -8.908  0.094   1.00 11.34 ? 143 SER A C   1 
ATOM   432 O O   . SER A 1 55 ? 3.143   -8.698  -1.081  1.00 12.53 ? 143 SER A O   1 
ATOM   433 C CB  . SER A 1 55 ? 1.683   -11.035 0.000   1.00 12.83 ? 143 SER A CB  1 
ATOM   434 O OG  . SER A 1 55 ? 2.820   -11.555 0.683   1.00 17.49 ? 143 SER A OG  1 
ATOM   435 N N   . PRO A 1 56 ? 3.664   -8.631  1.117   1.00 11.95 ? 144 PRO A N   1 
ATOM   436 C CA  . PRO A 1 56 ? 4.948   -8.017  0.829   1.00 12.92 ? 144 PRO A CA  1 
ATOM   437 C C   . PRO A 1 56 ? 5.869   -8.962  0.045   1.00 13.91 ? 144 PRO A C   1 
ATOM   438 O O   . PRO A 1 56 ? 6.857   -8.482  -0.425  1.00 12.67 ? 144 PRO A O   1 
ATOM   439 C CB  . PRO A 1 56 ? 5.522   -7.672  2.213   1.00 13.67 ? 144 PRO A CB  1 
ATOM   440 C CG  . PRO A 1 56 ? 4.851   -8.581  3.158   1.00 13.27 ? 144 PRO A CG  1 
ATOM   441 C CD  . PRO A 1 56 ? 3.414   -8.723  2.579   1.00 11.28 ? 144 PRO A CD  1 
ATOM   442 N N   . ILE A 1 57 ? 5.538   -10.255 -0.063  1.00 15.28 ? 145 ILE A N   1 
ATOM   443 C CA  . ILE A 1 57 ? 6.300   -11.167 -0.934  1.00 18.46 ? 145 ILE A CA  1 
ATOM   444 C C   . ILE A 1 57 ? 6.167   -10.838 -2.440  1.00 19.93 ? 145 ILE A C   1 
ATOM   445 O O   . ILE A 1 57 ? 7.107   -11.080 -3.224  1.00 19.05 ? 145 ILE A O   1 
ATOM   446 C CB  . ILE A 1 57 ? 5.898   -12.598 -0.646  1.00 18.94 ? 145 ILE A CB  1 
ATOM   447 C CG1 . ILE A 1 57 ? 6.251   -12.954 0.809   1.00 21.76 ? 145 ILE A CG1 1 
ATOM   448 C CG2 . ILE A 1 57 ? 6.556   -13.603 -1.648  1.00 21.94 ? 145 ILE A CG2 1 
ATOM   449 C CD1 . ILE A 1 57 ? 5.651   -14.281 1.256   1.00 27.58 ? 145 ILE A CD1 1 
ATOM   450 N N   . CYS A 1 58 ? 5.021   -10.298 -2.871  1.00 21.33 ? 146 CYS A N   1 
ATOM   451 C CA  . CYS A 1 58 ? 4.872   -9.923  -4.290  1.00 23.96 ? 146 CYS A CA  1 
ATOM   452 C C   . CYS A 1 58 ? 5.741   -8.779  -4.654  1.00 24.98 ? 146 CYS A C   1 
ATOM   453 O O   . CYS A 1 58 ? 5.568   -7.689  -4.117  1.00 25.48 ? 146 CYS A O   1 
ATOM   454 C CB  . CYS A 1 58 ? 3.467   -9.481  -4.641  1.00 25.09 ? 146 CYS A CB  1 
ATOM   455 S SG  . CYS A 1 58 ? 2.363   -10.589 -3.922  1.00 27.50 ? 146 CYS A SG  1 
ATOM   456 N N   . GLU A 1 59 ? 6.623   -8.992  -5.612  1.00 26.02 ? 147 GLU A N   1 
ATOM   457 C CA  . GLU A 1 59 ? 7.432   -7.877  -6.107  1.00 28.66 ? 147 GLU A CA  1 
ATOM   458 C C   . GLU A 1 59 ? 7.563   -7.858  -7.635  1.00 28.95 ? 147 GLU A C   1 
ATOM   459 O O   . GLU A 1 59 ? 8.118   -6.965  -8.270  1.00 29.73 ? 147 GLU A O   1 
ATOM   460 C CB  . GLU A 1 59 ? 8.777   -7.837  -5.366  1.00 29.32 ? 147 GLU A CB  1 
ATOM   461 C CG  . GLU A 1 59 ? 8.623   -7.253  -3.961  1.00 31.74 ? 147 GLU A CG  1 
ATOM   462 C CD  . GLU A 1 59 ? 9.899   -7.184  -3.156  1.00 33.34 ? 147 GLU A CD  1 
ATOM   463 O OE1 . GLU A 1 59 ? 10.326  -6.052  -2.844  1.00 36.57 ? 147 GLU A OE1 1 
ATOM   464 O OE2 . GLU A 1 59 ? 10.440  -8.243  -2.776  1.00 33.03 ? 147 GLU A OE2 1 
ATOM   465 O OXT . GLU A 1 59 ? 7.067   -8.747  -8.325  1.00 30.39 ? 147 GLU A OXT 1 
HETATM 466 O O   . HOH B 2 .  ? -10.603 -1.291  0.681   1.00 20.91 ? 1   HOH A O   1 
HETATM 467 O O   . HOH B 2 .  ? 1.718   8.840   8.464   1.00 17.97 ? 2   HOH A O   1 
HETATM 468 O O   . HOH B 2 .  ? -6.151  0.773   -4.585  1.00 17.37 ? 3   HOH A O   1 
HETATM 469 O O   . HOH B 2 .  ? -2.617  -2.328  -5.034  1.00 14.03 ? 4   HOH A O   1 
HETATM 470 O O   . HOH B 2 .  ? -6.225  -6.161  2.263   1.00 19.85 ? 5   HOH A O   1 
HETATM 471 O O   . HOH B 2 .  ? -4.916  7.150   5.435   1.00 21.68 ? 6   HOH A O   1 
HETATM 472 O O   . HOH B 2 .  ? -6.519  -3.323  9.374   1.00 17.38 ? 7   HOH A O   1 
HETATM 473 O O   . HOH B 2 .  ? -6.405  6.970   3.189   1.00 22.53 ? 8   HOH A O   1 
HETATM 474 O O   . HOH B 2 .  ? 5.283   -5.589  8.391   1.00 28.22 ? 9   HOH A O   1 
HETATM 475 O O   . HOH B 2 .  ? -5.311  -7.506  -2.577  1.00 18.57 ? 10  HOH A O   1 
HETATM 476 O O   . HOH B 2 .  ? 0.951   0.205   13.740  1.00 26.50 ? 11  HOH A O   1 
HETATM 477 O O   . HOH B 2 .  ? 4.125   -5.765  -11.748 1.00 24.42 ? 12  HOH A O   1 
HETATM 478 O O   . HOH B 2 .  ? 8.362   2.153   2.145   1.00 22.28 ? 13  HOH A O   1 
HETATM 479 O O   . HOH B 2 .  ? 0.881   8.022   -10.949 1.00 39.49 ? 14  HOH A O   1 
HETATM 480 O O   . HOH B 2 .  ? 9.785   -1.963  2.063   1.00 40.65 ? 15  HOH A O   1 
HETATM 481 O O   . HOH B 2 .  ? -10.416 -2.592  7.449   1.00 21.68 ? 16  HOH A O   1 
HETATM 482 O O   . HOH B 2 .  ? -0.666  7.084   10.645  1.00 26.57 ? 17  HOH A O   1 
HETATM 483 O O   . HOH B 2 .  ? 3.697   -0.236  -17.524 1.00 22.35 ? 18  HOH A O   1 
HETATM 484 O O   . HOH B 2 .  ? 7.746   3.155   -14.340 1.00 24.91 ? 19  HOH A O   1 
HETATM 485 O O   . HOH B 2 .  ? -12.211 -9.836  1.422   1.00 34.67 ? 20  HOH A O   1 
HETATM 486 O O   . HOH B 2 .  ? 9.726   -10.601 -2.676  1.00 23.01 ? 21  HOH A O   1 
HETATM 487 O O   . HOH B 2 .  ? -4.159  -10.361 -1.551  1.00 37.91 ? 22  HOH A O   1 
HETATM 488 O O   . HOH B 2 .  ? 6.813   13.146  0.356   1.00 39.34 ? 23  HOH A O   1 
HETATM 489 O O   . HOH B 2 .  ? -7.891  -3.578  7.068   1.00 20.31 ? 24  HOH A O   1 
HETATM 490 O O   . HOH B 2 .  ? -0.224  11.573  2.723   1.00 38.30 ? 25  HOH A O   1 
HETATM 491 O O   . HOH B 2 .  ? 3.312   -7.232  6.395   1.00 26.54 ? 26  HOH A O   1 
HETATM 492 O O   . HOH B 2 .  ? -10.062 7.951   1.179   1.00 31.02 ? 27  HOH A O   1 
HETATM 493 O O   . HOH B 2 .  ? -3.727  5.859   10.540  1.00 29.21 ? 28  HOH A O   1 
HETATM 494 O O   . HOH B 2 .  ? -1.749  -8.471  6.283   1.00 35.68 ? 29  HOH A O   1 
HETATM 495 O O   . HOH B 2 .  ? 3.586   -2.348  14.754  1.00 37.04 ? 30  HOH A O   1 
HETATM 496 O O   . HOH B 2 .  ? 7.463   -11.301 -6.791  1.00 32.35 ? 31  HOH A O   1 
HETATM 497 O O   . HOH B 2 .  ? 2.133   8.682   -6.848  1.00 31.60 ? 32  HOH A O   1 
HETATM 498 O O   . HOH B 2 .  ? -17.174 2.660   7.138   1.00 35.60 ? 33  HOH A O   1 
HETATM 499 O O   . HOH B 2 .  ? 12.229  -2.679  -5.286  1.00 39.41 ? 34  HOH A O   1 
HETATM 500 O O   . HOH B 2 .  ? 7.747   -10.875 -10.472 1.00 37.43 ? 35  HOH A O   1 
HETATM 501 O O   . HOH B 2 .  ? -11.264 6.215   10.566  1.00 37.22 ? 36  HOH A O   1 
HETATM 502 O O   . HOH B 2 .  ? -3.095  9.285   -4.155  1.00 31.70 ? 37  HOH A O   1 
HETATM 503 O O   . HOH B 2 .  ? 8.851   -3.908  -7.856  1.00 29.88 ? 38  HOH A O   1 
HETATM 504 O O   . HOH B 2 .  ? -7.087  -7.940  0.523   1.00 33.56 ? 39  HOH A O   1 
HETATM 505 O O   . HOH B 2 .  ? 3.944   11.057  -4.052  1.00 32.40 ? 40  HOH A O   1 
HETATM 506 O O   . HOH B 2 .  ? -6.073  8.745   7.398   1.00 31.20 ? 41  HOH A O   1 
HETATM 507 O O   . HOH B 2 .  ? -1.289  -6.306  11.047  1.00 34.24 ? 42  HOH A O   1 
HETATM 508 O O   . HOH B 2 .  ? 11.246  -0.870  4.370   1.00 41.63 ? 43  HOH A O   1 
HETATM 509 O O   . HOH B 2 .  ? -5.424  -10.548 7.884   1.00 32.96 ? 44  HOH A O   1 
HETATM 510 O O   . HOH B 2 .  ? 4.200   -1.393  12.663  1.00 35.31 ? 45  HOH A O   1 
HETATM 511 O O   . HOH B 2 .  ? 4.485   -3.618  11.084  1.00 32.91 ? 46  HOH A O   1 
HETATM 512 O O   . HOH B 2 .  ? -1.593  10.208  5.363   1.00 40.69 ? 47  HOH A O   1 
HETATM 513 O O   . HOH B 2 .  ? 8.865   -4.099  -14.093 1.00 37.60 ? 48  HOH A O   1 
HETATM 514 O O   . HOH B 2 .  ? 8.555   -2.262  -12.304 1.00 39.55 ? 49  HOH A O   1 
HETATM 515 O O   . HOH B 2 .  ? 11.574  -5.013  -5.869  1.00 39.19 ? 50  HOH A O   1 
HETATM 516 O O   . HOH B 2 .  ? 11.234  -4.080  2.904   1.00 43.22 ? 51  HOH A O   1 
HETATM 517 O O   . HOH B 2 .  ? -5.067  10.225  0.615   1.00 33.86 ? 52  HOH A O   1 
HETATM 518 O O   . HOH B 2 .  ? 7.074   -4.359  -10.484 1.00 37.68 ? 53  HOH A O   1 
HETATM 519 O O   . HOH B 2 .  ? -4.304  -12.170 0.221   1.00 37.44 ? 54  HOH A O   1 
HETATM 520 O O   . HOH B 2 .  ? 9.375   12.400  -1.811  1.00 39.84 ? 55  HOH A O   1 
HETATM 521 O O   . HOH B 2 .  ? 1.260   14.127  1.120   1.00 31.08 ? 56  HOH A O   1 
HETATM 522 O O   . HOH B 2 .  ? -10.803 -2.932  -4.765  1.00 38.42 ? 57  HOH A O   1 
HETATM 523 O O   . HOH B 2 .  ? -11.029 4.657   -2.760  1.00 36.13 ? 58  HOH A O   1 
HETATM 524 O O   . HOH B 2 .  ? 1.605   -14.717 1.043   1.00 40.97 ? 59  HOH A O   1 
HETATM 525 O O   . HOH B 2 .  ? -8.919  5.340   10.886  1.00 36.40 ? 60  HOH A O   1 
HETATM 526 O O   . HOH B 2 .  ? 9.376   -5.514  9.173   1.00 43.23 ? 61  HOH A O   1 
HETATM 527 O O   . HOH B 2 .  ? -5.559  -8.072  13.008  1.00 49.00 ? 62  HOH A O   1 
HETATM 528 O O   . HOH B 2 .  ? -8.483  4.745   13.513  1.00 52.00 ? 63  HOH A O   1 
HETATM 529 O O   . HOH B 2 .  ? 6.357   12.313  -4.570  1.00 53.00 ? 64  HOH A O   1 
HETATM 530 O O   . HOH B 2 .  ? -6.808  3.049   -5.764  1.00 54.00 ? 65  HOH A O   1 
# 
